data_6WNB
#
_entry.id   6WNB
#
_cell.length_a   152.276
_cell.length_b   159.577
_cell.length_c   115.979
_cell.angle_alpha   90.000
_cell.angle_beta   90.000
_cell.angle_gamma   90.000
#
_symmetry.space_group_name_H-M   'C 2 2 2'
#
loop_
_entity.id
_entity.type
_entity.pdbx_description
1 polymer SxtT
2 non-polymer 'FE2/S2 (INORGANIC) CLUSTER'
3 non-polymer GLYCEROL
4 non-polymer '[(2Z,3aS,4R,6Z,10aR)-2,6-diiminooctahydro-1H,8H-pyrrolo[1,2-c]purin-4-yl]methyl carbamate'
5 non-polymer 'FE (III) ION'
6 non-polymer 'SULFATE ION'
7 water water
#
_entity_poly.entity_id   1
_entity_poly.type   'polypeptide(L)'
_entity_poly.pdbx_seq_one_letter_code
;MTTADLILINNWHVVANVEDCKPGSITTARLLGVKLVLWRSQEQNSPIQVWQDYCPHRGVPLSMGEVANNTLVCPYHGWR
YNQAGKCVQIPAHPDMVPPASAQAKTYHCQERYGLVWVCLGNPVNDIPSFPEWDDPNYHKTYTKSYLIQASPFRVMDNSI
DVSHFPFIHDGWLGDRNYTKVEDFEVKVDKDGLTMGKYQFQTSRIVSHIEDDSWVNWFRLSHPLCQYCVSESPEMRIVDL
MTIAPIDEDNSVLRMLIMWNGSEMLESKMLTEYDETIEQDIRILHSQQPARLPLLAPKQINTQGLPQEIHVPSDRGTVAY
RRWLKELGVTYGVC
;
_entity_poly.pdbx_strand_id   A,B,C
#
# COMPACT_ATOMS: atom_id res chain seq x y z
N THR A 2 4.92 -6.01 18.12
CA THR A 2 6.19 -6.37 17.48
C THR A 2 7.23 -6.74 18.55
N THR A 3 8.33 -5.98 18.63
CA THR A 3 9.42 -6.27 19.57
C THR A 3 9.91 -4.93 20.15
N ALA A 4 9.07 -4.34 21.00
CA ALA A 4 9.46 -3.15 21.72
C ALA A 4 10.55 -3.49 22.75
N ASP A 5 11.03 -2.46 23.43
CA ASP A 5 12.02 -2.55 24.51
C ASP A 5 11.36 -2.89 25.85
N LEU A 6 12.20 -3.14 26.85
CA LEU A 6 11.68 -3.61 28.14
C LEU A 6 11.01 -2.50 28.94
N ILE A 7 11.61 -1.30 28.97
CA ILE A 7 10.99 -0.17 29.64
C ILE A 7 9.61 0.11 29.06
N LEU A 8 9.37 -0.26 27.81
CA LEU A 8 8.03 -0.12 27.26
C LEU A 8 7.15 -1.32 27.58
N ILE A 9 7.70 -2.53 27.42
CA ILE A 9 6.90 -3.74 27.60
C ILE A 9 6.40 -3.85 29.03
N ASN A 10 7.26 -3.53 30.01
CA ASN A 10 6.97 -3.67 31.42
C ASN A 10 6.32 -2.40 32.01
N ASN A 11 5.75 -1.53 31.19
CA ASN A 11 5.08 -0.35 31.71
C ASN A 11 3.60 -0.38 31.35
N TRP A 12 2.83 0.45 32.06
CA TRP A 12 1.40 0.53 31.86
C TRP A 12 1.07 1.57 30.80
N HIS A 13 0.13 1.24 29.92
CA HIS A 13 -0.34 2.18 28.91
C HIS A 13 -1.87 2.18 28.85
N VAL A 14 -2.45 3.38 28.69
CA VAL A 14 -3.89 3.49 28.47
C VAL A 14 -4.23 3.03 27.06
N VAL A 15 -5.24 2.17 26.94
CA VAL A 15 -5.71 1.71 25.63
C VAL A 15 -7.16 2.06 25.37
N ALA A 16 -7.90 2.56 26.36
CA ALA A 16 -9.32 2.85 26.17
C ALA A 16 -9.79 3.63 27.39
N ASN A 17 -10.97 4.24 27.22
CA ASN A 17 -11.71 4.83 28.31
C ASN A 17 -12.71 3.80 28.83
N VAL A 18 -12.86 3.75 30.16
CA VAL A 18 -13.76 2.77 30.78
C VAL A 18 -15.18 2.88 30.23
N GLU A 19 -15.60 4.09 29.85
CA GLU A 19 -16.93 4.24 29.27
C GLU A 19 -17.07 3.55 27.91
N ASP A 20 -15.96 3.22 27.24
CA ASP A 20 -16.01 2.51 25.96
C ASP A 20 -16.31 1.02 26.12
N CYS A 21 -16.25 0.47 27.33
CA CYS A 21 -16.39 -0.96 27.56
C CYS A 21 -17.65 -1.21 28.41
N LYS A 22 -18.80 -1.29 27.73
CA LYS A 22 -20.05 -1.56 28.41
C LYS A 22 -20.13 -3.03 28.80
N PRO A 23 -21.00 -3.38 29.75
CA PRO A 23 -21.18 -4.80 30.09
C PRO A 23 -21.64 -5.60 28.88
N GLY A 24 -21.05 -6.79 28.73
CA GLY A 24 -21.35 -7.65 27.60
C GLY A 24 -20.66 -7.30 26.30
N SER A 25 -19.83 -6.27 26.27
CA SER A 25 -19.31 -5.72 25.02
C SER A 25 -17.93 -6.26 24.67
N ILE A 26 -17.59 -6.10 23.41
CA ILE A 26 -16.28 -6.45 22.87
C ILE A 26 -15.76 -5.24 22.12
N THR A 27 -14.51 -4.86 22.40
CA THR A 27 -13.84 -3.77 21.68
C THR A 27 -12.39 -4.19 21.43
N THR A 28 -11.70 -3.44 20.59
CA THR A 28 -10.34 -3.76 20.21
C THR A 28 -9.42 -2.57 20.43
N ALA A 29 -8.12 -2.86 20.55
CA ALA A 29 -7.08 -1.85 20.53
C ALA A 29 -5.82 -2.47 19.94
N ARG A 30 -4.80 -1.66 19.73
CA ARG A 30 -3.46 -2.11 19.36
C ARG A 30 -2.41 -1.43 20.25
N LEU A 31 -1.44 -2.21 20.75
CA LEU A 31 -0.41 -1.68 21.64
C LEU A 31 0.92 -2.32 21.31
N LEU A 32 1.90 -1.48 20.97
CA LEU A 32 3.28 -1.92 20.70
C LEU A 32 3.28 -3.05 19.66
N GLY A 33 2.45 -2.90 18.64
CA GLY A 33 2.34 -3.90 17.58
C GLY A 33 1.43 -5.07 17.86
N VAL A 34 0.90 -5.20 19.08
CA VAL A 34 0.08 -6.33 19.50
C VAL A 34 -1.41 -5.96 19.36
N LYS A 35 -2.18 -6.83 18.72
CA LYS A 35 -3.64 -6.63 18.63
C LYS A 35 -4.32 -7.15 19.89
N LEU A 36 -5.18 -6.31 20.49
CA LEU A 36 -5.81 -6.58 21.77
C LEU A 36 -7.32 -6.68 21.61
N VAL A 37 -7.92 -7.59 22.37
CA VAL A 37 -9.38 -7.64 22.51
C VAL A 37 -9.72 -7.35 23.96
N LEU A 38 -10.70 -6.48 24.17
CA LEU A 38 -11.16 -6.11 25.50
C LEU A 38 -12.62 -6.54 25.62
N TRP A 39 -12.95 -7.25 26.69
CA TRP A 39 -14.33 -7.71 26.80
C TRP A 39 -14.75 -7.78 28.26
N ARG A 40 -16.07 -7.70 28.47
CA ARG A 40 -16.71 -7.78 29.79
C ARG A 40 -17.94 -8.66 29.72
N SER A 41 -18.19 -9.41 30.79
CA SER A 41 -19.47 -10.10 30.90
C SER A 41 -20.60 -9.09 31.13
N GLN A 42 -21.82 -9.61 31.19
CA GLN A 42 -23.01 -8.79 31.40
C GLN A 42 -23.26 -8.42 32.86
N GLU A 43 -22.56 -9.04 33.81
CA GLU A 43 -22.85 -8.80 35.22
C GLU A 43 -22.51 -7.36 35.61
N GLN A 44 -23.23 -6.86 36.60
CA GLN A 44 -22.95 -5.54 37.16
C GLN A 44 -21.49 -5.45 37.58
N ASN A 45 -20.85 -4.34 37.20
CA ASN A 45 -19.46 -4.03 37.60
C ASN A 45 -18.47 -5.12 37.21
N SER A 46 -18.76 -5.90 36.16
CA SER A 46 -17.86 -6.97 35.75
C SER A 46 -16.49 -6.40 35.38
N PRO A 47 -15.42 -7.17 35.58
CA PRO A 47 -14.08 -6.70 35.23
C PRO A 47 -13.84 -6.71 33.72
N ILE A 48 -12.82 -5.96 33.29
CA ILE A 48 -12.38 -5.91 31.90
C ILE A 48 -11.24 -6.90 31.67
N GLN A 49 -11.42 -7.80 30.71
CA GLN A 49 -10.35 -8.67 30.24
C GLN A 49 -9.64 -8.05 29.04
N VAL A 50 -8.31 -8.13 29.03
CA VAL A 50 -7.52 -7.64 27.89
C VAL A 50 -6.58 -8.77 27.48
N TRP A 51 -6.78 -9.29 26.26
CA TRP A 51 -6.04 -10.43 25.74
C TRP A 51 -5.48 -10.09 24.38
N GLN A 52 -4.48 -10.86 23.95
CA GLN A 52 -4.10 -10.80 22.55
C GLN A 52 -5.26 -11.32 21.68
N ASP A 53 -5.60 -10.57 20.64
CA ASP A 53 -6.79 -10.85 19.83
C ASP A 53 -6.50 -11.98 18.83
N TYR A 54 -6.57 -13.21 19.33
CA TYR A 54 -6.04 -14.33 18.57
C TYR A 54 -6.47 -15.66 19.18
N CYS A 55 -7.24 -16.45 18.42
CA CYS A 55 -7.57 -17.81 18.85
C CYS A 55 -6.47 -18.75 18.37
N PRO A 56 -5.82 -19.50 19.25
CA PRO A 56 -4.70 -20.35 18.84
C PRO A 56 -5.10 -21.60 18.06
N HIS A 57 -6.40 -21.88 17.90
CA HIS A 57 -6.81 -23.03 17.09
C HIS A 57 -6.45 -22.79 15.61
N ARG A 58 -7.09 -21.81 14.97
CA ARG A 58 -6.85 -21.53 13.56
C ARG A 58 -6.59 -20.07 13.26
N GLY A 59 -6.27 -19.27 14.28
CA GLY A 59 -5.74 -17.94 14.05
C GLY A 59 -6.75 -16.87 13.75
N VAL A 60 -7.98 -17.04 14.21
CA VAL A 60 -9.08 -16.08 14.01
C VAL A 60 -9.08 -15.05 15.14
N PRO A 61 -9.38 -13.78 14.88
CA PRO A 61 -9.45 -12.82 15.99
C PRO A 61 -10.63 -13.14 16.90
N LEU A 62 -10.35 -13.29 18.20
CA LEU A 62 -11.42 -13.52 19.16
C LEU A 62 -12.42 -12.37 19.21
N SER A 63 -12.00 -11.16 18.83
CA SER A 63 -12.93 -10.03 18.81
C SER A 63 -14.06 -10.19 17.79
N MET A 64 -13.96 -11.15 16.87
CA MET A 64 -15.08 -11.41 15.97
C MET A 64 -16.13 -12.33 16.57
N GLY A 65 -15.98 -12.73 17.84
CA GLY A 65 -16.89 -13.65 18.48
C GLY A 65 -18.00 -12.96 19.24
N GLU A 66 -18.41 -13.55 20.35
CA GLU A 66 -19.48 -12.99 21.16
C GLU A 66 -19.23 -13.38 22.61
N VAL A 67 -19.77 -12.57 23.51
CA VAL A 67 -19.73 -12.84 24.95
C VAL A 67 -20.97 -13.67 25.30
N ALA A 68 -20.75 -14.83 25.90
CA ALA A 68 -21.84 -15.69 26.38
C ALA A 68 -21.58 -16.01 27.84
N ASN A 69 -22.47 -15.54 28.72
CA ASN A 69 -22.31 -15.71 30.17
C ASN A 69 -21.01 -15.06 30.58
N ASN A 70 -20.04 -15.80 31.11
CA ASN A 70 -18.75 -15.29 31.55
C ASN A 70 -17.63 -15.75 30.64
N THR A 71 -17.89 -15.89 29.34
CA THR A 71 -16.93 -16.48 28.42
C THR A 71 -16.90 -15.68 27.12
N LEU A 72 -15.77 -15.69 26.45
CA LEU A 72 -15.65 -15.19 25.07
C LEU A 72 -15.61 -16.38 24.12
N VAL A 73 -16.47 -16.38 23.09
CA VAL A 73 -16.65 -17.53 22.20
C VAL A 73 -16.12 -17.19 20.81
N CYS A 74 -15.11 -17.94 20.36
N CYS A 74 -15.12 -17.94 20.36
CA CYS A 74 -14.54 -17.74 19.03
CA CYS A 74 -14.57 -17.68 19.03
C CYS A 74 -15.59 -18.05 17.95
C CYS A 74 -15.59 -18.04 17.96
N PRO A 75 -15.75 -17.20 16.94
CA PRO A 75 -16.82 -17.44 15.95
C PRO A 75 -16.59 -18.63 15.03
N TYR A 76 -15.35 -19.11 14.85
CA TYR A 76 -15.05 -20.08 13.79
C TYR A 76 -15.48 -21.49 14.17
N HIS A 77 -14.94 -22.05 15.27
CA HIS A 77 -15.39 -23.34 15.75
C HIS A 77 -15.99 -23.26 17.15
N GLY A 78 -16.23 -22.04 17.67
CA GLY A 78 -17.01 -21.93 18.90
C GLY A 78 -16.30 -22.27 20.20
N TRP A 79 -14.97 -22.36 20.20
CA TRP A 79 -14.24 -22.60 21.44
C TRP A 79 -14.54 -21.47 22.42
N ARG A 80 -14.85 -21.83 23.66
CA ARG A 80 -15.20 -20.85 24.69
C ARG A 80 -14.05 -20.65 25.66
N TYR A 81 -13.75 -19.39 25.98
CA TYR A 81 -12.65 -19.02 26.88
C TYR A 81 -13.22 -18.31 28.09
N ASN A 82 -12.82 -18.75 29.29
CA ASN A 82 -13.30 -18.13 30.53
C ASN A 82 -12.52 -16.85 30.83
N GLN A 83 -12.88 -16.16 31.92
CA GLN A 83 -12.29 -14.85 32.21
C GLN A 83 -10.78 -14.92 32.38
N ALA A 84 -10.26 -16.06 32.80
CA ALA A 84 -8.82 -16.27 32.92
C ALA A 84 -8.15 -16.67 31.60
N GLY A 85 -8.91 -16.74 30.50
CA GLY A 85 -8.32 -17.03 29.21
C GLY A 85 -8.20 -18.51 28.87
N LYS A 86 -8.64 -19.40 29.76
CA LYS A 86 -8.54 -20.83 29.49
C LYS A 86 -9.71 -21.31 28.65
N CYS A 87 -9.43 -22.18 27.68
N CYS A 87 -9.43 -22.17 27.68
CA CYS A 87 -10.52 -22.79 26.92
CA CYS A 87 -10.53 -22.78 26.92
C CYS A 87 -11.24 -23.81 27.81
C CYS A 87 -11.24 -23.80 27.80
N VAL A 88 -12.54 -23.59 27.99
CA VAL A 88 -13.34 -24.50 28.81
C VAL A 88 -14.24 -25.41 27.99
N GLN A 89 -14.31 -25.23 26.66
CA GLN A 89 -15.23 -26.08 25.91
C GLN A 89 -14.84 -26.10 24.42
N ILE A 90 -14.72 -27.29 23.87
CA ILE A 90 -14.53 -27.45 22.43
C ILE A 90 -15.77 -28.14 21.89
N PRO A 91 -16.67 -27.40 21.24
CA PRO A 91 -18.01 -27.95 20.92
C PRO A 91 -17.99 -29.16 20.00
N ALA A 92 -16.98 -29.30 19.13
CA ALA A 92 -16.90 -30.49 18.28
C ALA A 92 -16.73 -31.75 19.10
N HIS A 93 -16.17 -31.63 20.30
CA HIS A 93 -15.91 -32.75 21.19
C HIS A 93 -16.35 -32.31 22.58
N PRO A 94 -17.66 -32.30 22.82
CA PRO A 94 -18.19 -31.65 24.04
C PRO A 94 -17.80 -32.35 25.33
N ASP A 95 -17.41 -33.62 25.29
CA ASP A 95 -16.93 -34.30 26.48
C ASP A 95 -15.42 -34.37 26.55
N MET A 96 -14.71 -33.74 25.62
CA MET A 96 -13.25 -33.77 25.66
C MET A 96 -12.73 -32.66 26.58
N VAL A 97 -11.72 -32.99 27.37
CA VAL A 97 -11.03 -31.98 28.15
C VAL A 97 -10.18 -31.17 27.17
N PRO A 98 -10.33 -29.85 27.11
CA PRO A 98 -9.51 -29.09 26.17
C PRO A 98 -8.04 -29.25 26.50
N PRO A 99 -7.17 -29.22 25.49
CA PRO A 99 -5.73 -29.29 25.77
C PRO A 99 -5.26 -28.08 26.56
N ALA A 100 -4.18 -28.26 27.32
CA ALA A 100 -3.64 -27.18 28.14
C ALA A 100 -3.17 -26.01 27.29
N SER A 101 -2.67 -26.28 26.08
CA SER A 101 -2.26 -25.20 25.19
C SER A 101 -3.42 -24.33 24.74
N ALA A 102 -4.68 -24.79 24.89
CA ALA A 102 -5.84 -24.06 24.41
C ALA A 102 -6.18 -22.95 25.41
N GLN A 103 -5.54 -21.80 25.20
CA GLN A 103 -5.68 -20.67 26.10
C GLN A 103 -5.27 -19.39 25.39
N ALA A 104 -5.99 -18.32 25.66
CA ALA A 104 -5.64 -17.02 25.10
C ALA A 104 -4.43 -16.46 25.84
N LYS A 105 -3.63 -15.65 25.13
CA LYS A 105 -2.58 -14.88 25.80
C LYS A 105 -3.23 -13.69 26.51
N THR A 106 -3.12 -13.63 27.84
CA THR A 106 -3.74 -12.57 28.61
C THR A 106 -2.69 -11.57 29.12
N TYR A 107 -3.16 -10.36 29.41
CA TYR A 107 -2.32 -9.27 29.87
C TYR A 107 -2.92 -8.65 31.12
N HIS A 108 -2.09 -7.93 31.85
CA HIS A 108 -2.55 -7.21 33.03
C HIS A 108 -3.38 -5.99 32.64
N CYS A 109 -4.47 -5.76 33.37
CA CYS A 109 -5.37 -4.67 33.10
C CYS A 109 -5.79 -4.03 34.42
N GLN A 110 -5.77 -2.70 34.49
CA GLN A 110 -6.24 -1.97 35.65
C GLN A 110 -7.05 -0.76 35.19
N GLU A 111 -8.22 -0.56 35.81
CA GLU A 111 -8.96 0.67 35.66
C GLU A 111 -8.45 1.69 36.66
N ARG A 112 -8.10 2.88 36.18
CA ARG A 112 -7.63 3.94 37.06
C ARG A 112 -7.90 5.27 36.37
N TYR A 113 -8.53 6.19 37.10
CA TYR A 113 -8.93 7.51 36.59
C TYR A 113 -9.98 7.39 35.47
N GLY A 114 -10.78 6.33 35.50
CA GLY A 114 -11.72 6.10 34.42
C GLY A 114 -11.11 5.62 33.12
N LEU A 115 -9.82 5.33 33.12
CA LEU A 115 -9.08 4.84 31.96
C LEU A 115 -8.74 3.37 32.14
N VAL A 116 -8.54 2.67 31.03
CA VAL A 116 -8.17 1.25 31.01
C VAL A 116 -6.67 1.17 30.76
N TRP A 117 -5.91 0.72 31.75
CA TRP A 117 -4.45 0.64 31.68
C TRP A 117 -4.03 -0.80 31.45
N VAL A 118 -3.01 -1.01 30.60
CA VAL A 118 -2.60 -2.34 30.18
C VAL A 118 -1.09 -2.46 30.30
N CYS A 119 -0.64 -3.59 30.83
CA CYS A 119 0.78 -3.93 30.82
C CYS A 119 0.96 -5.24 30.05
N LEU A 120 1.75 -5.20 28.97
CA LEU A 120 1.99 -6.41 28.18
C LEU A 120 3.03 -7.32 28.78
N GLY A 121 3.77 -6.87 29.79
CA GLY A 121 4.83 -7.69 30.34
C GLY A 121 4.70 -7.89 31.85
N ASN A 122 5.78 -7.64 32.57
CA ASN A 122 5.76 -7.72 34.02
C ASN A 122 5.64 -6.32 34.58
N PRO A 123 4.59 -6.02 35.34
N PRO A 123 4.57 -6.02 35.32
CA PRO A 123 4.33 -4.64 35.82
CA PRO A 123 4.33 -4.66 35.83
C PRO A 123 5.21 -4.24 36.99
C PRO A 123 5.24 -4.30 37.01
N VAL A 124 6.46 -3.90 36.69
CA VAL A 124 7.37 -3.45 37.74
C VAL A 124 7.15 -1.98 38.14
N ASN A 125 6.50 -1.18 37.30
CA ASN A 125 6.25 0.22 37.58
C ASN A 125 4.81 0.43 38.04
N ASP A 126 4.60 1.50 38.81
CA ASP A 126 3.23 1.85 39.14
C ASP A 126 2.59 2.64 38.01
N ILE A 127 1.26 2.66 38.00
CA ILE A 127 0.57 3.61 37.12
C ILE A 127 0.90 5.02 37.58
N PRO A 128 1.22 5.95 36.67
CA PRO A 128 1.58 7.31 37.10
C PRO A 128 0.52 7.92 38.00
N SER A 129 0.95 8.77 38.93
CA SER A 129 -0.02 9.31 39.87
C SER A 129 -0.68 10.57 39.30
N PHE A 130 -1.88 10.85 39.83
CA PHE A 130 -2.71 11.95 39.35
C PHE A 130 -3.44 12.51 40.55
N PRO A 131 -2.77 13.33 41.36
CA PRO A 131 -3.28 13.65 42.71
C PRO A 131 -4.65 14.33 42.77
N GLU A 132 -5.09 15.03 41.72
CA GLU A 132 -6.36 15.75 41.82
C GLU A 132 -7.59 14.83 41.66
N TRP A 133 -7.41 13.56 41.28
CA TRP A 133 -8.51 12.70 40.88
C TRP A 133 -9.66 12.68 41.89
N ASP A 134 -9.36 12.44 43.16
CA ASP A 134 -10.36 12.36 44.22
C ASP A 134 -10.55 13.69 44.99
N ASP A 135 -10.04 14.79 44.49
CA ASP A 135 -10.21 16.07 45.17
C ASP A 135 -11.59 16.64 44.88
N PRO A 136 -12.46 16.82 45.88
CA PRO A 136 -13.84 17.28 45.60
C PRO A 136 -13.90 18.68 45.02
N ASN A 137 -12.84 19.47 45.13
CA ASN A 137 -12.82 20.80 44.53
C ASN A 137 -12.60 20.78 43.02
N TYR A 138 -12.38 19.63 42.41
CA TYR A 138 -12.02 19.55 41.00
C TYR A 138 -13.07 18.78 40.22
N HIS A 139 -13.50 19.34 39.09
CA HIS A 139 -14.32 18.62 38.13
C HIS A 139 -13.44 17.97 37.08
N LYS A 140 -14.00 17.02 36.35
CA LYS A 140 -13.22 16.27 35.36
C LYS A 140 -13.94 16.24 34.02
N THR A 141 -13.15 16.13 32.95
CA THR A 141 -13.67 15.84 31.63
C THR A 141 -12.58 15.14 30.82
N TYR A 142 -13.02 14.37 29.82
CA TYR A 142 -12.13 13.61 28.96
C TYR A 142 -12.22 14.12 27.54
N THR A 143 -11.08 14.27 26.87
CA THR A 143 -11.16 14.54 25.44
C THR A 143 -11.48 13.26 24.69
N LYS A 144 -11.88 13.41 23.44
CA LYS A 144 -11.92 12.26 22.58
C LYS A 144 -10.49 11.76 22.34
N SER A 145 -10.39 10.56 21.81
N SER A 145 -10.39 10.56 21.78
CA SER A 145 -9.10 10.05 21.38
CA SER A 145 -9.10 10.02 21.39
C SER A 145 -8.71 10.69 20.07
C SER A 145 -8.68 10.53 20.02
N TYR A 146 -7.41 10.89 19.89
CA TYR A 146 -6.84 11.43 18.67
C TYR A 146 -5.84 10.41 18.11
N LEU A 147 -6.19 9.82 16.97
CA LEU A 147 -5.26 8.97 16.24
C LEU A 147 -4.26 9.84 15.49
N ILE A 148 -2.97 9.59 15.69
CA ILE A 148 -1.93 10.45 15.16
C ILE A 148 -0.94 9.58 14.41
N GLN A 149 -0.67 9.93 13.14
CA GLN A 149 0.32 9.22 12.32
C GLN A 149 1.70 9.81 12.56
N ALA A 150 2.24 9.52 13.74
CA ALA A 150 3.57 9.95 14.12
C ALA A 150 4.05 9.02 15.23
N SER A 151 5.36 8.84 15.30
CA SER A 151 5.91 8.02 16.37
C SER A 151 5.44 8.55 17.72
N PRO A 152 5.10 7.66 18.65
CA PRO A 152 4.69 8.12 19.99
C PRO A 152 5.74 8.99 20.68
N PHE A 153 7.02 8.76 20.39
CA PHE A 153 8.05 9.58 20.99
C PHE A 153 8.19 10.93 20.31
N ARG A 154 7.79 11.03 19.04
CA ARG A 154 7.61 12.37 18.47
C ARG A 154 6.42 13.09 19.10
N VAL A 155 5.32 12.37 19.35
CA VAL A 155 4.16 13.02 19.95
C VAL A 155 4.53 13.61 21.31
N MET A 156 5.26 12.86 22.14
CA MET A 156 5.60 13.37 23.48
C MET A 156 6.63 14.50 23.40
N ASP A 157 7.61 14.36 22.49
CA ASP A 157 8.56 15.44 22.21
C ASP A 157 7.84 16.76 22.00
N ASN A 158 6.80 16.74 21.16
CA ASN A 158 6.02 17.95 20.88
C ASN A 158 5.27 18.44 22.12
N SER A 159 4.94 17.53 23.04
N SER A 159 4.94 17.55 23.04
CA SER A 159 4.23 17.91 24.24
CA SER A 159 4.22 17.96 24.24
C SER A 159 5.14 18.47 25.32
C SER A 159 5.15 18.49 25.33
N ILE A 160 6.44 18.18 25.25
CA ILE A 160 7.41 18.74 26.19
C ILE A 160 7.94 20.08 25.67
N ASP A 161 7.98 20.25 24.35
CA ASP A 161 8.36 21.50 23.70
C ASP A 161 7.48 22.65 24.17
N VAL A 162 8.09 23.76 24.56
CA VAL A 162 7.31 24.92 24.98
C VAL A 162 7.49 26.14 24.09
N SER A 163 8.62 26.28 23.40
CA SER A 163 8.86 27.49 22.61
C SER A 163 7.97 27.59 21.37
N HIS A 164 7.19 26.55 21.05
CA HIS A 164 6.34 26.64 19.87
C HIS A 164 5.02 27.36 20.12
N PHE A 165 4.68 27.63 21.39
CA PHE A 165 3.40 28.24 21.75
C PHE A 165 3.06 29.49 20.96
N PRO A 166 3.96 30.48 20.82
CA PRO A 166 3.57 31.71 20.11
C PRO A 166 3.43 31.54 18.62
N PHE A 167 3.65 30.34 18.08
CA PHE A 167 3.58 30.18 16.63
C PHE A 167 2.38 29.32 16.27
N ILE A 168 2.45 28.00 16.47
CA ILE A 168 1.30 27.18 16.08
C ILE A 168 0.15 27.26 17.08
N HIS A 169 0.36 27.84 18.26
CA HIS A 169 -0.73 28.04 19.21
C HIS A 169 -1.03 29.53 19.40
N ASP A 170 -0.80 30.35 18.37
CA ASP A 170 -0.95 31.78 18.50
C ASP A 170 -2.40 32.14 18.84
N GLY A 171 -2.59 32.94 19.89
CA GLY A 171 -3.92 33.31 20.31
C GLY A 171 -4.61 32.28 21.17
N TRP A 172 -3.92 31.20 21.53
CA TRP A 172 -4.47 30.18 22.40
C TRP A 172 -3.58 29.96 23.61
N LEU A 173 -2.33 29.57 23.37
CA LEU A 173 -1.34 29.36 24.42
C LEU A 173 -0.17 30.32 24.33
N GLY A 174 -0.11 31.14 23.29
CA GLY A 174 1.02 32.03 23.13
C GLY A 174 0.62 33.26 22.36
N ASP A 175 1.56 34.20 22.30
CA ASP A 175 1.34 35.51 21.71
C ASP A 175 2.46 35.73 20.70
N ARG A 176 2.07 35.94 19.43
CA ARG A 176 3.03 36.25 18.37
C ARG A 176 3.98 37.38 18.76
N ASN A 177 3.55 38.27 19.65
CA ASN A 177 4.36 39.42 20.02
C ASN A 177 5.29 39.16 21.19
N TYR A 178 5.17 38.02 21.86
CA TYR A 178 6.07 37.65 22.97
C TYR A 178 6.64 36.26 22.68
N THR A 179 7.76 36.24 21.97
CA THR A 179 8.35 35.02 21.46
C THR A 179 9.49 34.51 22.32
N LYS A 180 10.13 35.40 23.09
CA LYS A 180 11.26 35.01 23.91
C LYS A 180 10.83 33.98 24.93
N VAL A 181 11.71 33.01 25.18
CA VAL A 181 11.46 31.95 26.15
C VAL A 181 12.45 32.15 27.28
N GLU A 182 11.95 32.53 28.45
CA GLU A 182 12.80 32.75 29.60
C GLU A 182 13.43 31.44 30.05
N ASP A 183 14.54 31.56 30.80
CA ASP A 183 15.19 30.37 31.33
C ASP A 183 14.24 29.60 32.22
N PHE A 184 14.35 28.27 32.14
CA PHE A 184 13.64 27.37 33.03
C PHE A 184 14.60 26.23 33.36
N GLU A 185 14.20 25.41 34.32
CA GLU A 185 15.03 24.30 34.79
C GLU A 185 14.43 22.96 34.36
N VAL A 186 15.31 22.01 34.05
CA VAL A 186 14.92 20.63 33.77
C VAL A 186 15.79 19.72 34.60
N LYS A 187 15.17 18.76 35.28
CA LYS A 187 15.90 17.68 35.94
C LYS A 187 15.41 16.33 35.43
N VAL A 188 16.35 15.43 35.16
CA VAL A 188 16.06 14.02 34.92
C VAL A 188 16.70 13.24 36.07
N ASP A 189 15.88 12.57 36.87
CA ASP A 189 16.38 11.70 37.92
C ASP A 189 15.51 10.45 38.03
N LYS A 190 15.29 9.98 39.25
CA LYS A 190 14.52 8.77 39.50
C LYS A 190 13.01 9.01 39.51
N ASP A 191 12.56 10.26 39.58
CA ASP A 191 11.16 10.61 39.37
C ASP A 191 10.82 10.80 37.90
N GLY A 192 11.68 10.36 36.98
CA GLY A 192 11.54 10.71 35.58
C GLY A 192 12.00 12.13 35.28
N LEU A 193 11.33 12.75 34.33
CA LEU A 193 11.71 14.09 33.86
C LEU A 193 10.73 15.10 34.44
N THR A 194 11.27 16.16 35.03
CA THR A 194 10.48 17.26 35.57
C THR A 194 10.93 18.53 34.87
N MET A 195 10.00 19.27 34.33
CA MET A 195 10.27 20.61 33.82
C MET A 195 9.69 21.59 34.81
N GLY A 196 10.55 22.48 35.32
CA GLY A 196 10.17 23.37 36.40
C GLY A 196 9.21 24.44 35.93
N LYS A 197 8.86 25.31 36.86
CA LYS A 197 7.93 26.38 36.54
C LYS A 197 8.51 27.27 35.45
N TYR A 198 7.67 27.62 34.48
CA TYR A 198 7.98 28.67 33.52
C TYR A 198 6.71 29.44 33.21
N GLN A 199 6.82 30.75 33.10
CA GLN A 199 5.68 31.61 32.81
C GLN A 199 5.58 31.85 31.31
N PHE A 200 4.35 32.01 30.85
CA PHE A 200 4.10 32.39 29.46
C PHE A 200 2.80 33.19 29.42
N GLN A 201 2.82 34.29 28.65
CA GLN A 201 1.74 35.27 28.68
C GLN A 201 0.69 34.97 27.61
N THR A 202 -0.55 34.75 28.05
CA THR A 202 -1.68 34.51 27.15
C THR A 202 -2.99 34.42 27.94
N SER A 203 -4.09 34.83 27.33
CA SER A 203 -5.42 34.56 27.85
C SER A 203 -5.93 33.21 27.35
N ARG A 204 -6.97 32.70 28.00
CA ARG A 204 -7.61 31.46 27.55
C ARG A 204 -9.08 31.70 27.18
N ASP A 211 -6.95 38.39 32.51
CA ASP A 211 -6.10 37.39 33.17
C ASP A 211 -5.24 36.63 32.16
N ASP A 212 -4.03 37.14 31.92
CA ASP A 212 -3.13 36.51 30.94
C ASP A 212 -1.79 36.14 31.55
N SER A 213 -1.81 35.36 32.65
CA SER A 213 -0.60 34.91 33.33
C SER A 213 -0.80 33.51 33.88
N TRP A 214 -0.15 32.53 33.25
CA TRP A 214 -0.27 31.12 33.64
C TRP A 214 1.12 30.55 33.89
N VAL A 215 1.31 29.95 35.07
N VAL A 215 1.30 29.93 35.05
CA VAL A 215 2.56 29.28 35.42
CA VAL A 215 2.57 29.29 35.41
C VAL A 215 2.35 27.78 35.22
C VAL A 215 2.40 27.78 35.27
N ASN A 216 3.24 27.17 34.44
CA ASN A 216 3.14 25.76 34.12
C ASN A 216 4.36 25.00 34.63
N TRP A 217 4.15 23.71 34.88
CA TRP A 217 5.22 22.76 35.09
C TRP A 217 4.64 21.39 34.78
N PHE A 218 5.52 20.42 34.58
CA PHE A 218 4.99 19.10 34.33
C PHE A 218 6.04 18.06 34.67
N ARG A 219 5.57 16.82 34.81
CA ARG A 219 6.40 15.70 35.19
C ARG A 219 6.00 14.51 34.35
N LEU A 220 7.00 13.75 33.90
CA LEU A 220 6.83 12.44 33.29
C LEU A 220 7.58 11.43 34.16
N SER A 221 6.84 10.58 34.88
CA SER A 221 7.52 9.45 35.49
C SER A 221 7.67 8.28 34.52
N HIS A 222 7.12 8.42 33.33
CA HIS A 222 6.82 7.42 32.33
C HIS A 222 7.02 8.14 30.99
N PRO A 223 7.86 7.63 30.08
CA PRO A 223 8.22 8.40 28.88
C PRO A 223 7.04 8.68 27.94
N LEU A 224 5.87 8.07 28.15
CA LEU A 224 4.73 8.28 27.27
C LEU A 224 3.51 8.81 28.02
N CYS A 225 3.69 9.25 29.26
N CYS A 225 3.72 9.36 29.21
CA CYS A 225 2.64 9.88 30.03
CA CYS A 225 2.63 9.86 30.03
C CYS A 225 3.16 11.18 30.60
C CYS A 225 3.09 11.13 30.73
N GLN A 226 2.33 12.21 30.58
CA GLN A 226 2.70 13.52 31.08
C GLN A 226 1.60 14.04 31.99
N TYR A 227 2.00 14.50 33.17
CA TYR A 227 1.17 15.18 34.14
C TYR A 227 1.53 16.65 34.07
N CYS A 228 0.57 17.49 33.68
N CYS A 228 0.58 17.49 33.67
CA CYS A 228 0.83 18.90 33.43
CA CYS A 228 0.82 18.90 33.44
C CYS A 228 -0.07 19.75 34.31
C CYS A 228 -0.06 19.73 34.35
N VAL A 229 0.52 20.73 34.99
CA VAL A 229 -0.19 21.64 35.88
C VAL A 229 -0.04 23.05 35.31
N SER A 230 -1.16 23.74 35.13
CA SER A 230 -1.14 25.14 34.71
C SER A 230 -2.01 25.94 35.68
N GLU A 231 -1.41 26.93 36.33
CA GLU A 231 -2.09 27.69 37.36
C GLU A 231 -2.05 29.18 37.05
N SER A 232 -3.20 29.82 37.13
CA SER A 232 -3.32 31.26 37.20
C SER A 232 -3.83 31.64 38.60
N PRO A 233 -3.85 32.94 38.93
CA PRO A 233 -4.47 33.32 40.20
C PRO A 233 -5.95 32.93 40.31
N GLU A 234 -6.64 32.81 39.18
CA GLU A 234 -8.09 32.60 39.20
C GLU A 234 -8.50 31.13 39.27
N MET A 235 -7.64 30.19 38.89
CA MET A 235 -8.07 28.81 38.72
C MET A 235 -6.85 27.92 38.49
N ARG A 236 -7.01 26.63 38.81
CA ARG A 236 -5.96 25.63 38.59
C ARG A 236 -6.50 24.53 37.69
N ILE A 237 -5.72 24.18 36.67
CA ILE A 237 -6.07 23.16 35.67
C ILE A 237 -4.92 22.17 35.62
N VAL A 238 -5.24 20.88 35.75
CA VAL A 238 -4.24 19.83 35.61
C VAL A 238 -4.77 18.87 34.56
N ASP A 239 -3.84 18.18 33.90
CA ASP A 239 -4.26 17.16 32.95
C ASP A 239 -3.25 16.04 32.93
N LEU A 240 -3.73 14.86 32.61
CA LEU A 240 -2.93 13.68 32.43
C LEU A 240 -3.05 13.31 30.96
N MET A 241 -1.95 13.45 30.24
CA MET A 241 -1.89 13.11 28.82
C MET A 241 -1.25 11.75 28.66
N THR A 242 -1.94 10.86 27.95
CA THR A 242 -1.45 9.51 27.75
C THR A 242 -1.29 9.26 26.25
N ILE A 243 -0.19 8.64 25.86
CA ILE A 243 0.09 8.34 24.45
C ILE A 243 0.17 6.84 24.32
N ALA A 244 -0.83 6.25 23.66
CA ALA A 244 -0.81 4.81 23.39
C ALA A 244 0.08 4.54 22.19
N PRO A 245 1.18 3.84 22.36
CA PRO A 245 2.05 3.58 21.21
C PRO A 245 1.55 2.38 20.41
N ILE A 246 0.69 2.66 19.41
CA ILE A 246 0.12 1.62 18.54
C ILE A 246 1.23 0.78 17.95
N ASP A 247 2.16 1.42 17.26
CA ASP A 247 3.37 0.79 16.74
C ASP A 247 4.44 1.87 16.65
N GLU A 248 5.50 1.63 15.87
CA GLU A 248 6.62 2.56 15.87
C GLU A 248 6.28 3.89 15.23
N ASP A 249 5.19 3.97 14.47
CA ASP A 249 4.90 5.11 13.62
C ASP A 249 3.53 5.72 13.87
N ASN A 250 2.75 5.21 14.82
CA ASN A 250 1.36 5.61 15.02
C ASN A 250 1.05 5.68 16.51
N SER A 251 0.23 6.67 16.92
CA SER A 251 -0.07 6.92 18.33
C SER A 251 -1.54 7.25 18.52
N VAL A 252 -2.05 7.00 19.73
CA VAL A 252 -3.36 7.50 20.14
C VAL A 252 -3.16 8.41 21.35
N LEU A 253 -3.56 9.68 21.21
CA LEU A 253 -3.46 10.65 22.30
C LEU A 253 -4.81 10.80 22.98
N ARG A 254 -4.79 10.80 24.32
CA ARG A 254 -5.94 11.05 25.17
C ARG A 254 -5.56 12.02 26.28
N MET A 255 -6.50 12.87 26.70
N MET A 255 -6.52 12.84 26.69
CA MET A 255 -6.24 13.79 27.79
CA MET A 255 -6.34 13.82 27.76
C MET A 255 -7.39 13.77 28.78
C MET A 255 -7.44 13.64 28.80
N LEU A 256 -7.05 13.62 30.07
CA LEU A 256 -8.00 13.72 31.16
C LEU A 256 -7.70 15.05 31.85
N ILE A 257 -8.71 15.91 31.97
CA ILE A 257 -8.54 17.30 32.39
C ILE A 257 -9.33 17.53 33.66
N MET A 258 -8.70 18.13 34.66
CA MET A 258 -9.40 18.49 35.88
C MET A 258 -9.11 19.94 36.23
N TRP A 259 -10.13 20.62 36.74
CA TRP A 259 -10.01 22.04 37.03
C TRP A 259 -10.89 22.36 38.23
N ASN A 260 -10.47 23.34 39.01
CA ASN A 260 -11.20 23.70 40.22
C ASN A 260 -12.12 24.90 40.04
N GLY A 261 -12.32 25.37 38.80
CA GLY A 261 -13.23 26.45 38.51
C GLY A 261 -14.67 25.98 38.45
N SER A 262 -15.51 26.76 37.78
CA SER A 262 -16.91 26.38 37.65
C SER A 262 -17.07 25.15 36.76
N GLU A 263 -18.02 24.29 37.13
CA GLU A 263 -18.34 23.12 36.31
C GLU A 263 -18.78 23.53 34.91
N MET A 264 -19.36 24.72 34.77
CA MET A 264 -19.91 25.15 33.49
C MET A 264 -18.83 25.41 32.44
N LEU A 265 -17.56 25.56 32.86
CA LEU A 265 -16.48 25.81 31.92
C LEU A 265 -16.12 24.58 31.08
N GLU A 266 -16.84 23.47 31.23
CA GLU A 266 -16.41 22.22 30.62
C GLU A 266 -16.39 22.31 29.09
N SER A 267 -17.48 22.79 28.49
CA SER A 267 -17.57 22.83 27.04
C SER A 267 -16.44 23.68 26.44
N LYS A 268 -16.11 24.81 27.08
CA LYS A 268 -15.01 25.63 26.60
C LYS A 268 -13.66 24.97 26.83
N MET A 269 -13.51 24.19 27.92
CA MET A 269 -12.28 23.46 28.16
C MET A 269 -11.97 22.53 26.99
N LEU A 270 -12.95 21.72 26.60
CA LEU A 270 -12.76 20.77 25.52
C LEU A 270 -12.48 21.47 24.19
N THR A 271 -13.16 22.59 23.93
CA THR A 271 -12.91 23.31 22.69
C THR A 271 -11.46 23.82 22.64
N GLU A 272 -10.95 24.37 23.75
CA GLU A 272 -9.57 24.83 23.78
C GLU A 272 -8.59 23.69 23.52
N TYR A 273 -8.78 22.55 24.20
CA TYR A 273 -7.87 21.42 23.99
C TYR A 273 -7.96 20.92 22.55
N ASP A 274 -9.18 20.73 22.06
CA ASP A 274 -9.36 20.26 20.69
C ASP A 274 -8.62 21.17 19.71
N GLU A 275 -8.69 22.49 19.92
CA GLU A 275 -8.04 23.42 19.00
C GLU A 275 -6.52 23.29 19.07
N THR A 276 -5.96 23.24 20.30
CA THR A 276 -4.50 23.19 20.42
C THR A 276 -3.96 21.83 20.00
N ILE A 277 -4.70 20.76 20.29
CA ILE A 277 -4.25 19.43 19.87
C ILE A 277 -4.16 19.33 18.35
N GLU A 278 -5.23 19.77 17.66
CA GLU A 278 -5.21 19.69 16.20
C GLU A 278 -4.12 20.58 15.63
N GLN A 279 -3.83 21.73 16.27
CA GLN A 279 -2.71 22.55 15.85
C GLN A 279 -1.40 21.76 15.93
N ASP A 280 -1.23 20.97 17.00
CA ASP A 280 -0.03 20.15 17.16
C ASP A 280 -0.01 19.02 16.15
N ILE A 281 -1.16 18.40 15.91
CA ILE A 281 -1.21 17.23 15.03
C ILE A 281 -0.76 17.59 13.62
N ARG A 282 -1.11 18.80 13.17
CA ARG A 282 -0.70 19.24 11.83
C ARG A 282 0.82 19.23 11.69
N ILE A 283 1.55 19.67 12.72
CA ILE A 283 3.02 19.62 12.69
C ILE A 283 3.50 18.17 12.78
N LEU A 284 2.94 17.40 13.70
CA LEU A 284 3.43 16.04 13.93
C LEU A 284 3.34 15.19 12.66
N HIS A 285 2.25 15.32 11.91
CA HIS A 285 2.13 14.53 10.68
C HIS A 285 3.19 14.91 9.66
N SER A 286 3.75 16.13 9.75
CA SER A 286 4.68 16.63 8.74
C SER A 286 6.14 16.32 9.05
N GLN A 287 6.48 15.92 10.28
CA GLN A 287 7.88 15.87 10.69
C GLN A 287 8.60 14.68 10.07
N GLN A 288 9.82 14.92 9.60
CA GLN A 288 10.65 13.84 9.08
C GLN A 288 12.04 13.88 9.71
N PRO A 289 12.62 12.71 10.02
CA PRO A 289 11.98 11.39 9.90
C PRO A 289 10.84 11.21 10.92
N ALA A 290 9.92 10.28 10.64
CA ALA A 290 8.74 10.15 11.50
C ALA A 290 9.10 9.67 12.90
N ARG A 291 10.22 8.96 13.05
CA ARG A 291 10.70 8.47 14.33
C ARG A 291 11.62 9.50 14.98
N LEU A 292 11.61 9.54 16.30
CA LEU A 292 12.32 10.58 17.05
C LEU A 292 13.82 10.34 16.99
N PRO A 293 14.61 11.26 16.43
CA PRO A 293 16.07 11.07 16.42
C PRO A 293 16.64 11.26 17.82
N LEU A 294 17.44 10.30 18.26
CA LEU A 294 18.18 10.55 19.49
C LEU A 294 19.43 11.39 19.17
N LEU A 295 20.15 11.79 20.22
CA LEU A 295 21.34 12.61 20.03
C LEU A 295 22.42 11.79 19.32
N ALA A 296 22.58 12.02 18.01
CA ALA A 296 23.36 11.17 17.10
C ALA A 296 22.99 9.69 17.23
N GLY A 304 22.14 12.49 3.62
CA GLY A 304 20.71 12.37 3.87
C GLY A 304 20.06 13.61 4.47
N LEU A 305 19.44 13.44 5.65
CA LEU A 305 18.85 14.59 6.31
C LEU A 305 19.79 15.11 7.40
N PRO A 306 19.91 16.44 7.53
CA PRO A 306 20.82 17.01 8.54
C PRO A 306 20.47 16.56 9.96
N GLN A 307 21.46 16.65 10.84
CA GLN A 307 21.25 16.36 12.25
C GLN A 307 20.41 17.46 12.91
N GLU A 308 19.73 17.11 14.00
CA GLU A 308 18.94 18.11 14.69
C GLU A 308 19.82 19.17 15.32
N ILE A 309 19.29 20.37 15.45
CA ILE A 309 19.96 21.51 16.08
C ILE A 309 19.20 21.86 17.36
N HIS A 310 19.95 22.15 18.44
CA HIS A 310 19.38 22.48 19.75
C HIS A 310 19.84 23.85 20.21
N VAL A 311 18.88 24.65 20.69
CA VAL A 311 19.12 25.97 21.26
C VAL A 311 18.78 25.89 22.74
N PRO A 312 19.08 26.92 23.57
CA PRO A 312 18.88 26.76 25.03
C PRO A 312 17.44 26.45 25.43
N SER A 313 16.45 27.01 24.73
CA SER A 313 15.06 26.71 25.06
C SER A 313 14.64 25.26 24.72
N ASP A 314 15.50 24.49 24.04
CA ASP A 314 15.26 23.07 23.79
C ASP A 314 15.74 22.17 24.92
N ARG A 315 16.12 22.74 26.07
CA ARG A 315 16.77 21.95 27.11
C ARG A 315 15.86 20.82 27.60
N GLY A 316 14.55 21.09 27.68
CA GLY A 316 13.63 20.02 28.05
C GLY A 316 13.57 18.92 27.01
N THR A 317 13.46 19.30 25.73
CA THR A 317 13.40 18.25 24.73
C THR A 317 14.75 17.59 24.49
N VAL A 318 15.86 18.29 24.78
CA VAL A 318 17.16 17.63 24.79
C VAL A 318 17.22 16.63 25.94
N ALA A 319 16.74 17.02 27.12
CA ALA A 319 16.76 16.11 28.26
C ALA A 319 15.91 14.88 27.99
N TYR A 320 14.78 15.04 27.27
CA TYR A 320 13.95 13.90 26.92
C TYR A 320 14.72 12.90 26.07
N ARG A 321 15.42 13.39 25.04
CA ARG A 321 16.19 12.50 24.17
C ARG A 321 17.28 11.78 24.95
N ARG A 322 17.91 12.47 25.90
CA ARG A 322 18.94 11.86 26.73
C ARG A 322 18.34 10.80 27.64
N TRP A 323 17.18 11.11 28.23
CA TRP A 323 16.46 10.15 29.05
C TRP A 323 16.11 8.89 28.25
N LEU A 324 15.62 9.06 27.02
CA LEU A 324 15.24 7.88 26.23
C LEU A 324 16.45 7.03 25.94
N LYS A 325 17.59 7.65 25.63
CA LYS A 325 18.81 6.90 25.42
C LYS A 325 19.23 6.18 26.71
N GLU A 326 19.11 6.86 27.84
CA GLU A 326 19.48 6.23 29.11
C GLU A 326 18.58 5.05 29.44
N LEU A 327 17.29 5.16 29.11
CA LEU A 327 16.36 4.07 29.40
C LEU A 327 16.49 2.92 28.42
N GLY A 328 17.32 3.05 27.38
CA GLY A 328 17.47 1.99 26.40
C GLY A 328 16.38 1.90 25.35
N VAL A 329 15.68 3.00 25.08
CA VAL A 329 14.60 2.96 24.09
C VAL A 329 15.20 2.89 22.70
N THR A 330 14.74 1.92 21.91
CA THR A 330 15.12 1.78 20.50
C THR A 330 13.90 1.68 19.59
N TYR A 331 12.70 1.57 20.17
CA TYR A 331 11.45 1.41 19.43
C TYR A 331 10.84 2.79 19.14
N GLY A 332 10.63 3.08 17.85
CA GLY A 332 10.07 4.37 17.46
C GLY A 332 11.04 5.53 17.50
N VAL A 333 12.35 5.27 17.57
CA VAL A 333 13.37 6.31 17.57
C VAL A 333 14.39 5.97 16.48
N CYS A 334 15.31 6.92 16.27
N CYS A 334 15.27 6.95 16.21
CA CYS A 334 16.43 6.73 15.36
CA CYS A 334 16.28 6.80 15.16
C CYS A 334 17.59 7.65 15.76
C CYS A 334 17.69 6.74 15.75
N THR B 2 6.35 -15.57 -7.85
CA THR B 2 6.47 -16.84 -8.60
C THR B 2 7.21 -17.90 -7.81
N THR B 3 6.90 -19.15 -8.13
CA THR B 3 7.34 -20.30 -7.35
C THR B 3 8.13 -21.28 -8.22
N ALA B 4 9.18 -21.83 -7.63
CA ALA B 4 9.83 -22.96 -8.26
C ALA B 4 9.11 -24.28 -7.96
N ASP B 5 8.15 -24.28 -7.02
CA ASP B 5 7.51 -25.53 -6.64
C ASP B 5 6.91 -26.19 -7.87
N LEU B 6 7.43 -27.37 -8.19
CA LEU B 6 7.05 -28.00 -9.45
C LEU B 6 5.65 -28.56 -9.39
N ILE B 7 5.18 -28.97 -8.20
CA ILE B 7 3.81 -29.45 -8.12
C ILE B 7 2.83 -28.33 -8.45
N LEU B 8 3.24 -27.06 -8.28
CA LEU B 8 2.39 -25.94 -8.71
C LEU B 8 2.64 -25.56 -10.18
N ILE B 9 3.90 -25.42 -10.58
CA ILE B 9 4.20 -24.95 -11.93
C ILE B 9 3.83 -26.02 -12.96
N ASN B 10 4.07 -27.28 -12.66
CA ASN B 10 3.80 -28.36 -13.59
C ASN B 10 2.41 -28.94 -13.41
N ASN B 11 1.45 -28.16 -12.91
CA ASN B 11 0.09 -28.60 -12.71
C ASN B 11 -0.87 -27.74 -13.54
N TRP B 12 -2.14 -28.16 -13.58
CA TRP B 12 -3.20 -27.41 -14.25
C TRP B 12 -4.02 -26.58 -13.27
N HIS B 13 -4.34 -25.35 -13.66
CA HIS B 13 -5.15 -24.45 -12.84
C HIS B 13 -6.21 -23.75 -13.69
N VAL B 14 -7.42 -23.65 -13.14
CA VAL B 14 -8.49 -22.88 -13.79
C VAL B 14 -8.20 -21.39 -13.67
N VAL B 15 -8.24 -20.68 -14.81
CA VAL B 15 -8.08 -19.23 -14.81
C VAL B 15 -9.29 -18.50 -15.34
N ALA B 16 -10.24 -19.17 -15.97
CA ALA B 16 -11.45 -18.52 -16.47
C ALA B 16 -12.52 -19.57 -16.73
N ASN B 17 -13.73 -19.09 -16.96
CA ASN B 17 -14.86 -19.86 -17.43
C ASN B 17 -14.94 -19.71 -18.95
N VAL B 18 -15.18 -20.81 -19.67
CA VAL B 18 -15.18 -20.75 -21.13
C VAL B 18 -16.19 -19.74 -21.65
N GLU B 19 -17.33 -19.60 -20.96
CA GLU B 19 -18.31 -18.59 -21.30
C GLU B 19 -17.74 -17.16 -21.22
N ASP B 20 -16.63 -16.95 -20.53
CA ASP B 20 -16.00 -15.63 -20.48
C ASP B 20 -15.09 -15.38 -21.68
N CYS B 21 -14.92 -16.34 -22.59
CA CYS B 21 -13.97 -16.24 -23.69
C CYS B 21 -14.72 -16.44 -25.00
N LYS B 22 -15.37 -15.38 -25.47
CA LYS B 22 -16.08 -15.41 -26.74
C LYS B 22 -15.10 -15.39 -27.92
N PRO B 23 -15.50 -15.89 -29.09
CA PRO B 23 -14.64 -15.77 -30.26
C PRO B 23 -14.27 -14.31 -30.53
N GLY B 24 -13.02 -14.08 -30.91
CA GLY B 24 -12.52 -12.74 -31.09
C GLY B 24 -12.23 -11.97 -29.82
N SER B 25 -12.40 -12.58 -28.64
CA SER B 25 -12.25 -11.84 -27.39
C SER B 25 -10.81 -11.85 -26.89
N ILE B 26 -10.53 -10.90 -26.02
CA ILE B 26 -9.26 -10.78 -25.31
C ILE B 26 -9.60 -10.60 -23.84
N THR B 27 -9.06 -11.45 -22.98
CA THR B 27 -9.27 -11.30 -21.53
C THR B 27 -7.94 -11.54 -20.82
N THR B 28 -7.90 -11.26 -19.53
CA THR B 28 -6.67 -11.39 -18.74
C THR B 28 -6.90 -12.23 -17.49
N ALA B 29 -5.79 -12.67 -16.90
CA ALA B 29 -5.82 -13.41 -15.65
C ALA B 29 -4.41 -13.38 -15.09
N ARG B 30 -4.28 -13.78 -13.82
CA ARG B 30 -2.99 -13.88 -13.16
C ARG B 30 -2.89 -15.24 -12.53
N LEU B 31 -1.70 -15.86 -12.60
CA LEU B 31 -1.51 -17.19 -12.07
C LEU B 31 -0.08 -17.32 -11.58
N LEU B 32 0.09 -17.66 -10.31
CA LEU B 32 1.41 -17.87 -9.71
C LEU B 32 2.34 -16.70 -10.00
N GLY B 33 1.81 -15.49 -9.86
CA GLY B 33 2.58 -14.30 -10.11
C GLY B 33 2.80 -13.96 -11.58
N VAL B 34 2.25 -14.74 -12.50
CA VAL B 34 2.43 -14.47 -13.94
C VAL B 34 1.16 -13.82 -14.47
N LYS B 35 1.34 -12.74 -15.24
CA LYS B 35 0.23 -12.09 -15.93
C LYS B 35 -0.04 -12.80 -17.25
N LEU B 36 -1.31 -13.15 -17.48
CA LEU B 36 -1.73 -13.93 -18.64
C LEU B 36 -2.67 -13.13 -19.53
N VAL B 37 -2.59 -13.42 -20.84
CA VAL B 37 -3.58 -12.95 -21.81
C VAL B 37 -4.25 -14.18 -22.44
N LEU B 38 -5.57 -14.14 -22.52
CA LEU B 38 -6.38 -15.20 -23.11
C LEU B 38 -7.05 -14.62 -24.34
N TRP B 39 -6.94 -15.30 -25.47
CA TRP B 39 -7.56 -14.76 -26.67
C TRP B 39 -7.97 -15.89 -27.62
N ARG B 40 -8.96 -15.57 -28.46
CA ARG B 40 -9.49 -16.47 -29.49
C ARG B 40 -9.69 -15.74 -30.80
N SER B 41 -9.46 -16.44 -31.90
CA SER B 41 -9.86 -15.88 -33.18
C SER B 41 -11.39 -15.84 -33.30
N GLN B 42 -11.86 -15.08 -34.28
CA GLN B 42 -13.29 -14.90 -34.51
C GLN B 42 -13.96 -16.15 -35.07
N GLU B 43 -13.20 -17.06 -35.66
CA GLU B 43 -13.78 -18.27 -36.24
C GLU B 43 -14.56 -19.06 -35.19
N GLN B 44 -15.63 -19.72 -35.65
CA GLN B 44 -16.41 -20.56 -34.77
C GLN B 44 -15.58 -21.76 -34.32
N ASN B 45 -15.65 -22.07 -33.02
CA ASN B 45 -14.87 -23.14 -32.40
C ASN B 45 -13.35 -22.89 -32.45
N SER B 46 -12.91 -21.64 -32.59
CA SER B 46 -11.48 -21.38 -32.50
C SER B 46 -10.94 -21.80 -31.13
N PRO B 47 -9.69 -22.26 -31.06
CA PRO B 47 -9.09 -22.60 -29.76
C PRO B 47 -8.78 -21.34 -28.97
N ILE B 48 -8.51 -21.53 -27.67
CA ILE B 48 -8.13 -20.45 -26.77
C ILE B 48 -6.61 -20.46 -26.61
N GLN B 49 -5.97 -19.32 -26.88
CA GLN B 49 -4.55 -19.18 -26.57
C GLN B 49 -4.40 -18.55 -25.18
N VAL B 50 -3.45 -19.05 -24.40
CA VAL B 50 -3.08 -18.46 -23.12
C VAL B 50 -1.58 -18.22 -23.14
N TRP B 51 -1.19 -16.95 -23.09
CA TRP B 51 0.21 -16.54 -23.21
C TRP B 51 0.59 -15.66 -22.03
N GLN B 52 1.90 -15.53 -21.80
CA GLN B 52 2.37 -14.43 -20.95
C GLN B 52 1.96 -13.10 -21.58
N ASP B 53 1.40 -12.21 -20.76
CA ASP B 53 0.84 -10.95 -21.27
C ASP B 53 1.98 -9.96 -21.50
N TYR B 54 2.73 -10.16 -22.58
CA TYR B 54 4.00 -9.44 -22.72
C TYR B 54 4.50 -9.51 -24.15
N CYS B 55 4.75 -8.36 -24.74
N CYS B 55 4.76 -8.36 -24.74
CA CYS B 55 5.38 -8.30 -26.06
CA CYS B 55 5.38 -8.30 -26.06
C CYS B 55 6.89 -8.22 -25.89
C CYS B 55 6.89 -8.21 -25.90
N PRO B 56 7.67 -9.13 -26.48
CA PRO B 56 9.12 -9.10 -26.27
C PRO B 56 9.85 -7.97 -27.00
N HIS B 57 9.17 -7.15 -27.80
CA HIS B 57 9.84 -6.00 -28.42
C HIS B 57 10.16 -4.93 -27.40
N ARG B 58 9.13 -4.26 -26.86
CA ARG B 58 9.34 -3.20 -25.87
C ARG B 58 8.48 -3.39 -24.60
N GLY B 59 7.98 -4.60 -24.36
CA GLY B 59 7.44 -4.91 -23.04
C GLY B 59 6.02 -4.47 -22.78
N VAL B 60 5.22 -4.26 -23.82
CA VAL B 60 3.83 -3.81 -23.70
C VAL B 60 2.92 -5.02 -23.49
N PRO B 61 1.85 -4.91 -22.70
CA PRO B 61 0.91 -6.04 -22.53
C PRO B 61 0.16 -6.34 -23.83
N LEU B 62 0.30 -7.57 -24.35
CA LEU B 62 -0.43 -7.92 -25.57
C LEU B 62 -1.94 -7.80 -25.39
N SER B 63 -2.44 -7.94 -24.16
CA SER B 63 -3.86 -7.80 -23.87
C SER B 63 -4.38 -6.40 -24.20
N MET B 64 -3.49 -5.43 -24.32
CA MET B 64 -3.96 -4.12 -24.76
C MET B 64 -4.14 -4.03 -26.27
N GLY B 65 -3.94 -5.13 -27.00
CA GLY B 65 -3.98 -5.12 -28.47
C GLY B 65 -5.33 -5.51 -29.01
N GLU B 66 -5.33 -6.17 -30.18
CA GLU B 66 -6.58 -6.58 -30.80
C GLU B 66 -6.37 -7.86 -31.59
N VAL B 67 -7.44 -8.63 -31.74
CA VAL B 67 -7.42 -9.85 -32.55
C VAL B 67 -7.73 -9.46 -33.99
N ALA B 68 -6.88 -9.89 -34.91
CA ALA B 68 -7.08 -9.67 -36.34
C ALA B 68 -6.87 -11.00 -37.04
N ASN B 69 -7.91 -11.47 -37.72
N ASN B 69 -7.91 -11.49 -37.69
CA ASN B 69 -7.92 -12.81 -38.31
CA ASN B 69 -7.89 -12.78 -38.37
C ASN B 69 -7.52 -13.84 -37.26
C ASN B 69 -7.51 -13.82 -37.33
N ASN B 70 -6.40 -14.53 -37.46
CA ASN B 70 -5.95 -15.54 -36.52
C ASN B 70 -4.68 -15.11 -35.79
N THR B 71 -4.52 -13.80 -35.57
CA THR B 71 -3.35 -13.24 -34.92
C THR B 71 -3.78 -12.29 -33.82
N LEU B 72 -2.89 -12.10 -32.86
CA LEU B 72 -3.03 -11.10 -31.81
C LEU B 72 -2.01 -10.00 -32.10
N VAL B 73 -2.46 -8.76 -32.13
CA VAL B 73 -1.65 -7.66 -32.65
C VAL B 73 -1.29 -6.73 -31.49
N CYS B 74 0.00 -6.49 -31.29
N CYS B 74 0.00 -6.49 -31.29
CA CYS B 74 0.44 -5.60 -30.22
CA CYS B 74 0.43 -5.60 -30.22
C CYS B 74 0.08 -4.15 -30.58
C CYS B 74 0.07 -4.15 -30.59
N PRO B 75 -0.42 -3.36 -29.62
CA PRO B 75 -0.85 -1.99 -29.96
C PRO B 75 0.30 -1.02 -30.24
N TYR B 76 1.52 -1.30 -29.78
CA TYR B 76 2.58 -0.28 -29.79
C TYR B 76 3.22 -0.12 -31.17
N HIS B 77 3.71 -1.23 -31.75
CA HIS B 77 4.26 -1.21 -33.11
C HIS B 77 3.59 -2.22 -34.00
N GLY B 78 2.49 -2.83 -33.57
CA GLY B 78 1.72 -3.64 -34.49
C GLY B 78 2.28 -4.99 -34.86
N TRP B 79 3.31 -5.50 -34.16
CA TRP B 79 3.76 -6.86 -34.46
C TRP B 79 2.61 -7.84 -34.26
N ARG B 80 2.50 -8.81 -35.16
CA ARG B 80 1.39 -9.76 -35.16
C ARG B 80 1.89 -11.16 -34.83
N TYR B 81 1.19 -11.83 -33.93
CA TYR B 81 1.56 -13.15 -33.41
C TYR B 81 0.47 -14.13 -33.78
N ASN B 82 0.86 -15.25 -34.41
CA ASN B 82 -0.13 -16.23 -34.85
C ASN B 82 -0.58 -17.06 -33.65
N GLN B 83 -1.41 -18.08 -33.90
CA GLN B 83 -1.97 -18.86 -32.80
C GLN B 83 -0.90 -19.62 -32.04
N ALA B 84 0.23 -19.93 -32.68
CA ALA B 84 1.36 -20.57 -32.02
C ALA B 84 2.28 -19.58 -31.31
N GLY B 85 1.98 -18.28 -31.33
CA GLY B 85 2.81 -17.31 -30.63
C GLY B 85 3.99 -16.78 -31.43
N LYS B 86 4.21 -17.26 -32.65
CA LYS B 86 5.30 -16.79 -33.48
C LYS B 86 4.92 -15.48 -34.16
N CYS B 87 5.81 -14.50 -34.10
CA CYS B 87 5.58 -13.24 -34.80
C CYS B 87 5.70 -13.48 -36.30
N VAL B 88 4.64 -13.17 -37.03
CA VAL B 88 4.61 -13.37 -38.48
C VAL B 88 4.62 -12.07 -39.25
N GLN B 89 4.55 -10.93 -38.57
CA GLN B 89 4.55 -9.65 -39.29
C GLN B 89 5.13 -8.57 -38.39
N ILE B 90 6.22 -7.96 -38.83
CA ILE B 90 6.79 -6.76 -38.24
C ILE B 90 6.48 -5.61 -39.21
N PRO B 91 5.43 -4.81 -38.93
CA PRO B 91 4.97 -3.81 -39.93
C PRO B 91 6.03 -2.81 -40.36
N ALA B 92 6.98 -2.46 -39.49
CA ALA B 92 8.03 -1.52 -39.90
C ALA B 92 8.91 -2.10 -41.00
N HIS B 93 9.01 -3.42 -41.12
CA HIS B 93 9.91 -4.08 -42.08
C HIS B 93 9.12 -5.24 -42.68
N PRO B 94 8.19 -4.93 -43.58
CA PRO B 94 7.24 -5.96 -44.04
C PRO B 94 7.88 -7.13 -44.75
N ASP B 95 9.08 -6.98 -45.30
CA ASP B 95 9.74 -8.10 -46.01
C ASP B 95 10.78 -8.84 -45.17
N MET B 96 11.06 -8.37 -43.95
CA MET B 96 12.11 -9.02 -43.20
C MET B 96 11.65 -10.39 -42.70
N VAL B 97 12.61 -11.25 -42.45
CA VAL B 97 12.36 -12.50 -41.74
C VAL B 97 12.38 -12.17 -40.25
N PRO B 98 11.26 -12.27 -39.53
CA PRO B 98 11.26 -11.93 -38.12
C PRO B 98 12.22 -12.83 -37.38
N PRO B 99 12.97 -12.32 -36.40
CA PRO B 99 13.93 -13.18 -35.71
C PRO B 99 13.23 -14.26 -34.90
N ALA B 100 14.00 -15.31 -34.62
CA ALA B 100 13.46 -16.42 -33.85
C ALA B 100 12.99 -15.97 -32.48
N SER B 101 13.65 -14.97 -31.91
CA SER B 101 13.25 -14.46 -30.60
C SER B 101 11.90 -13.74 -30.62
N ALA B 102 11.38 -13.36 -31.79
CA ALA B 102 10.11 -12.64 -31.86
C ALA B 102 8.97 -13.66 -31.70
N GLN B 103 8.68 -13.99 -30.44
CA GLN B 103 7.83 -15.12 -30.13
C GLN B 103 7.22 -14.88 -28.76
N ALA B 104 5.91 -15.03 -28.65
CA ALA B 104 5.28 -14.91 -27.34
C ALA B 104 5.61 -16.13 -26.49
N LYS B 105 5.65 -15.92 -25.18
CA LYS B 105 5.74 -17.06 -24.25
C LYS B 105 4.35 -17.67 -24.14
N THR B 106 4.21 -18.90 -24.64
CA THR B 106 2.92 -19.58 -24.69
C THR B 106 2.88 -20.66 -23.60
N TYR B 107 1.66 -20.95 -23.13
CA TYR B 107 1.43 -21.95 -22.10
C TYR B 107 0.37 -22.94 -22.57
N HIS B 108 0.40 -24.15 -21.99
CA HIS B 108 -0.59 -25.18 -22.32
C HIS B 108 -1.97 -24.78 -21.80
N CYS B 109 -2.99 -24.99 -22.63
N CYS B 109 -2.99 -24.97 -22.62
CA CYS B 109 -4.37 -24.64 -22.32
CA CYS B 109 -4.35 -24.68 -22.20
C CYS B 109 -5.30 -25.77 -22.75
C CYS B 109 -5.29 -25.77 -22.71
N GLN B 110 -6.25 -26.11 -21.87
CA GLN B 110 -7.25 -27.13 -22.18
C GLN B 110 -8.58 -26.67 -21.62
N GLU B 111 -9.64 -26.80 -22.42
CA GLU B 111 -11.00 -26.57 -21.94
C GLU B 111 -11.56 -27.86 -21.36
N ARG B 112 -11.98 -27.84 -20.09
N ARG B 112 -12.01 -27.82 -20.10
CA ARG B 112 -12.66 -29.00 -19.53
CA ARG B 112 -12.64 -29.00 -19.50
C ARG B 112 -13.71 -28.54 -18.53
C ARG B 112 -13.70 -28.55 -18.51
N TYR B 113 -14.87 -29.20 -18.57
CA TYR B 113 -16.02 -28.89 -17.70
C TYR B 113 -16.49 -27.45 -17.87
N GLY B 114 -16.31 -26.87 -19.06
CA GLY B 114 -16.68 -25.50 -19.27
C GLY B 114 -15.74 -24.49 -18.64
N LEU B 115 -14.57 -24.94 -18.18
CA LEU B 115 -13.58 -24.09 -17.54
C LEU B 115 -12.31 -24.10 -18.37
N VAL B 116 -11.54 -23.03 -18.27
CA VAL B 116 -10.26 -22.88 -18.95
C VAL B 116 -9.13 -23.26 -18.00
N TRP B 117 -8.45 -24.36 -18.29
CA TRP B 117 -7.32 -24.83 -17.48
C TRP B 117 -6.01 -24.48 -18.17
N VAL B 118 -5.02 -24.08 -17.37
CA VAL B 118 -3.73 -23.63 -17.87
C VAL B 118 -2.61 -24.30 -17.09
N CYS B 119 -1.56 -24.72 -17.79
CA CYS B 119 -0.36 -25.22 -17.16
C CYS B 119 0.81 -24.37 -17.61
N LEU B 120 1.50 -23.73 -16.66
CA LEU B 120 2.62 -22.86 -16.98
C LEU B 120 3.91 -23.62 -17.25
N GLY B 121 3.99 -24.92 -16.97
CA GLY B 121 5.24 -25.64 -17.06
C GLY B 121 5.10 -26.84 -17.97
N ASN B 122 5.63 -27.98 -17.51
CA ASN B 122 5.49 -29.23 -18.23
C ASN B 122 4.50 -30.10 -17.48
N PRO B 123 3.30 -30.36 -18.03
CA PRO B 123 2.25 -30.99 -17.23
C PRO B 123 2.50 -32.44 -16.93
N VAL B 124 2.98 -32.70 -15.71
CA VAL B 124 3.03 -34.06 -15.19
C VAL B 124 1.62 -34.58 -14.92
N ASN B 125 0.90 -33.92 -14.03
CA ASN B 125 -0.42 -34.37 -13.60
C ASN B 125 -1.48 -34.05 -14.66
N ASP B 126 -2.55 -34.83 -14.63
CA ASP B 126 -3.72 -34.53 -15.43
C ASP B 126 -4.69 -33.61 -14.66
N ILE B 127 -5.58 -32.99 -15.42
CA ILE B 127 -6.68 -32.23 -14.83
C ILE B 127 -7.50 -33.14 -13.93
N PRO B 128 -7.91 -32.72 -12.72
CA PRO B 128 -8.73 -33.60 -11.86
C PRO B 128 -10.00 -34.07 -12.54
N SER B 129 -10.47 -35.25 -12.14
N SER B 129 -10.46 -35.25 -12.15
CA SER B 129 -11.66 -35.82 -12.77
CA SER B 129 -11.67 -35.82 -12.73
C SER B 129 -12.93 -35.40 -12.03
C SER B 129 -12.91 -35.26 -12.05
N PHE B 130 -14.02 -35.29 -12.78
CA PHE B 130 -15.31 -34.84 -12.26
C PHE B 130 -16.39 -35.70 -12.91
N PRO B 131 -16.64 -36.90 -12.35
CA PRO B 131 -17.43 -37.90 -13.10
C PRO B 131 -18.83 -37.46 -13.49
N GLU B 132 -19.51 -36.65 -12.68
CA GLU B 132 -20.90 -36.29 -12.99
C GLU B 132 -21.04 -35.37 -14.19
N TRP B 133 -19.94 -34.77 -14.65
CA TRP B 133 -20.00 -33.89 -15.82
C TRP B 133 -20.73 -34.56 -16.98
N ASP B 134 -20.44 -35.83 -17.22
CA ASP B 134 -21.04 -36.53 -18.36
C ASP B 134 -22.33 -37.27 -18.01
N ASP B 135 -22.90 -37.06 -16.83
CA ASP B 135 -24.12 -37.77 -16.44
C ASP B 135 -25.34 -36.95 -16.80
N PRO B 136 -26.19 -37.39 -17.74
CA PRO B 136 -27.35 -36.58 -18.13
C PRO B 136 -28.45 -36.49 -17.09
N ASN B 137 -28.41 -37.27 -16.00
CA ASN B 137 -29.34 -37.04 -14.90
C ASN B 137 -29.02 -35.78 -14.08
N TYR B 138 -27.87 -35.14 -14.32
CA TYR B 138 -27.44 -34.04 -13.47
C TYR B 138 -27.54 -32.73 -14.21
N HIS B 139 -28.21 -31.75 -13.59
CA HIS B 139 -28.16 -30.36 -14.01
C HIS B 139 -26.95 -29.67 -13.40
N LYS B 140 -26.51 -28.59 -14.04
CA LYS B 140 -25.32 -27.88 -13.60
C LYS B 140 -25.60 -26.39 -13.45
N THR B 141 -24.77 -25.74 -12.63
CA THR B 141 -24.71 -24.29 -12.58
C THR B 141 -23.32 -23.89 -12.10
N TYR B 142 -22.89 -22.67 -12.45
CA TYR B 142 -21.59 -22.13 -12.04
C TYR B 142 -21.82 -20.97 -11.08
N THR B 143 -21.11 -20.94 -9.96
CA THR B 143 -21.12 -19.71 -9.17
C THR B 143 -20.36 -18.63 -9.89
N LYS B 144 -20.55 -17.38 -9.45
CA LYS B 144 -19.61 -16.35 -9.85
C LYS B 144 -18.25 -16.65 -9.21
N SER B 145 -17.22 -15.91 -9.64
N SER B 145 -17.22 -15.96 -9.70
CA SER B 145 -15.89 -16.05 -9.07
CA SER B 145 -15.92 -16.02 -9.05
C SER B 145 -15.71 -15.13 -7.86
C SER B 145 -15.99 -15.27 -7.72
N TYR B 146 -15.11 -15.66 -6.80
CA TYR B 146 -14.93 -14.93 -5.54
C TYR B 146 -13.45 -14.62 -5.37
N LEU B 147 -13.11 -13.34 -5.31
CA LEU B 147 -11.73 -12.93 -5.09
C LEU B 147 -11.48 -12.88 -3.58
N ILE B 148 -10.46 -13.59 -3.10
CA ILE B 148 -10.23 -13.75 -1.66
C ILE B 148 -8.81 -13.33 -1.33
N GLN B 149 -8.67 -12.37 -0.40
CA GLN B 149 -7.36 -11.95 0.09
C GLN B 149 -6.91 -12.90 1.20
N ALA B 150 -6.58 -14.12 0.77
CA ALA B 150 -5.98 -15.13 1.62
C ALA B 150 -5.13 -16.02 0.74
N SER B 151 -4.18 -16.70 1.36
CA SER B 151 -3.36 -17.69 0.68
C SER B 151 -4.28 -18.75 0.06
N PRO B 152 -4.00 -19.20 -1.17
CA PRO B 152 -4.82 -20.29 -1.75
C PRO B 152 -4.85 -21.54 -0.88
N PHE B 153 -3.77 -21.79 -0.14
CA PHE B 153 -3.74 -22.97 0.73
C PHE B 153 -4.56 -22.76 2.00
N ARG B 154 -4.70 -21.51 2.49
CA ARG B 154 -5.68 -21.25 3.54
C ARG B 154 -7.12 -21.40 3.05
N VAL B 155 -7.38 -20.96 1.81
CA VAL B 155 -8.73 -21.12 1.27
C VAL B 155 -9.10 -22.60 1.20
N MET B 156 -8.18 -23.44 0.71
CA MET B 156 -8.47 -24.87 0.63
C MET B 156 -8.61 -25.48 2.02
N ASP B 157 -7.75 -25.08 2.97
CA ASP B 157 -7.85 -25.53 4.36
C ASP B 157 -9.28 -25.35 4.90
N ASN B 158 -9.84 -24.16 4.69
CA ASN B 158 -11.20 -23.86 5.13
C ASN B 158 -12.25 -24.74 4.46
N SER B 159 -12.02 -25.14 3.20
N SER B 159 -12.03 -25.15 3.20
CA SER B 159 -12.95 -26.02 2.50
CA SER B 159 -12.97 -26.02 2.52
C SER B 159 -12.82 -27.49 2.93
C SER B 159 -12.83 -27.48 2.95
N ILE B 160 -11.69 -27.87 3.51
CA ILE B 160 -11.53 -29.24 4.01
C ILE B 160 -12.11 -29.35 5.42
N ASP B 161 -12.11 -28.24 6.16
CA ASP B 161 -12.66 -28.15 7.52
C ASP B 161 -14.15 -28.45 7.54
N VAL B 162 -14.60 -29.27 8.49
CA VAL B 162 -16.03 -29.54 8.61
C VAL B 162 -16.62 -29.13 9.96
N SER B 163 -15.80 -29.00 11.01
CA SER B 163 -16.35 -28.67 12.33
C SER B 163 -16.89 -27.26 12.42
N HIS B 164 -16.59 -26.37 11.46
CA HIS B 164 -17.06 -25.00 11.53
C HIS B 164 -18.52 -24.83 11.09
N PHE B 165 -19.15 -25.85 10.48
CA PHE B 165 -20.49 -25.69 9.92
C PHE B 165 -21.52 -25.16 10.92
N PRO B 166 -21.64 -25.71 12.14
CA PRO B 166 -22.73 -25.25 13.02
C PRO B 166 -22.49 -23.86 13.60
N PHE B 167 -21.37 -23.22 13.29
CA PHE B 167 -21.06 -21.91 13.82
C PHE B 167 -21.14 -20.86 12.72
N ILE B 168 -20.18 -20.80 11.80
CA ILE B 168 -20.33 -19.73 10.81
C ILE B 168 -21.37 -20.07 9.75
N HIS B 169 -21.81 -21.33 9.64
CA HIS B 169 -22.92 -21.68 8.74
C HIS B 169 -24.20 -22.04 9.49
N ASP B 170 -24.32 -21.62 10.75
CA ASP B 170 -25.52 -21.82 11.56
C ASP B 170 -26.79 -21.46 10.77
N GLY B 171 -27.75 -22.38 10.76
CA GLY B 171 -28.96 -22.18 9.97
C GLY B 171 -28.85 -22.51 8.49
N TRP B 172 -27.66 -22.83 7.98
CA TRP B 172 -27.48 -23.14 6.57
C TRP B 172 -26.90 -24.54 6.36
N LEU B 173 -25.74 -24.83 6.93
N LEU B 173 -25.74 -24.83 6.93
CA LEU B 173 -25.12 -26.15 6.84
CA LEU B 173 -25.14 -26.16 6.84
C LEU B 173 -25.04 -26.80 8.21
C LEU B 173 -25.04 -26.81 8.21
N GLY B 174 -25.58 -26.16 9.23
CA GLY B 174 -25.52 -26.71 10.55
C GLY B 174 -26.44 -25.95 11.48
N ASP B 175 -26.35 -26.32 12.74
CA ASP B 175 -27.40 -26.08 13.70
C ASP B 175 -26.70 -25.85 15.02
N ARG B 176 -26.89 -24.68 15.63
CA ARG B 176 -26.18 -24.35 16.87
C ARG B 176 -26.53 -25.28 18.03
N ASN B 177 -27.52 -26.16 17.87
CA ASN B 177 -27.88 -27.17 18.85
C ASN B 177 -27.31 -28.54 18.53
N TYR B 178 -26.46 -28.63 17.50
CA TYR B 178 -25.90 -29.89 17.04
C TYR B 178 -24.46 -29.63 16.65
N THR B 179 -23.60 -29.44 17.66
CA THR B 179 -22.24 -29.00 17.39
C THR B 179 -21.23 -30.12 17.43
N LYS B 180 -21.61 -31.29 17.95
CA LYS B 180 -20.71 -32.44 17.98
C LYS B 180 -20.41 -32.92 16.56
N VAL B 181 -19.14 -33.24 16.32
CA VAL B 181 -18.67 -33.70 15.02
C VAL B 181 -18.42 -35.20 15.12
N GLU B 182 -19.23 -36.00 14.42
CA GLU B 182 -19.05 -37.44 14.44
C GLU B 182 -17.69 -37.83 13.85
N ASP B 183 -17.21 -39.02 14.23
N ASP B 183 -17.21 -39.02 14.23
CA ASP B 183 -15.97 -39.54 13.67
CA ASP B 183 -15.98 -39.56 13.67
C ASP B 183 -16.09 -39.70 12.15
C ASP B 183 -16.09 -39.69 12.15
N PHE B 184 -14.96 -39.57 11.47
CA PHE B 184 -14.85 -39.79 10.04
C PHE B 184 -13.40 -40.13 9.74
N GLU B 185 -13.17 -40.68 8.56
CA GLU B 185 -11.83 -41.12 8.19
C GLU B 185 -11.24 -40.19 7.15
N VAL B 186 -9.92 -40.15 7.11
CA VAL B 186 -9.17 -39.41 6.11
C VAL B 186 -7.96 -40.25 5.72
N LYS B 187 -7.59 -40.17 4.44
CA LYS B 187 -6.47 -40.91 3.87
C LYS B 187 -5.66 -39.96 3.00
N VAL B 188 -4.33 -40.06 3.08
CA VAL B 188 -3.42 -39.48 2.09
C VAL B 188 -2.70 -40.65 1.40
N ASP B 189 -2.93 -40.82 0.10
CA ASP B 189 -2.33 -41.91 -0.66
C ASP B 189 -2.17 -41.55 -2.13
N LYS B 190 -2.20 -42.56 -3.01
CA LYS B 190 -1.99 -42.28 -4.45
C LYS B 190 -3.14 -41.48 -5.04
N ASP B 191 -4.35 -41.59 -4.48
CA ASP B 191 -5.48 -40.77 -4.91
C ASP B 191 -5.35 -39.30 -4.48
N GLY B 192 -4.43 -38.97 -3.57
CA GLY B 192 -4.32 -37.62 -3.02
C GLY B 192 -4.88 -37.62 -1.61
N LEU B 193 -5.69 -36.62 -1.28
N LEU B 193 -5.65 -36.59 -1.25
CA LEU B 193 -6.34 -36.50 0.02
CA LEU B 193 -6.31 -36.56 0.05
C LEU B 193 -7.83 -36.81 -0.13
C LEU B 193 -7.79 -36.87 -0.16
N THR B 194 -8.32 -37.79 0.64
CA THR B 194 -9.73 -38.16 0.62
C THR B 194 -10.30 -38.09 2.04
N MET B 195 -11.44 -37.39 2.20
CA MET B 195 -12.23 -37.46 3.43
C MET B 195 -13.39 -38.40 3.20
N GLY B 196 -13.47 -39.46 4.01
CA GLY B 196 -14.53 -40.43 3.91
C GLY B 196 -15.85 -39.84 4.33
N LYS B 197 -16.91 -40.66 4.19
CA LYS B 197 -18.26 -40.16 4.43
C LYS B 197 -18.39 -39.58 5.83
N TYR B 198 -19.08 -38.44 5.92
CA TYR B 198 -19.19 -37.69 7.16
C TYR B 198 -20.63 -37.18 7.26
N GLN B 199 -21.36 -37.64 8.28
CA GLN B 199 -22.75 -37.25 8.45
C GLN B 199 -22.89 -36.08 9.41
N PHE B 200 -23.84 -35.20 9.12
CA PHE B 200 -24.10 -34.03 9.93
C PHE B 200 -25.56 -33.64 9.78
N GLN B 201 -26.02 -32.88 10.78
CA GLN B 201 -27.42 -32.53 10.97
C GLN B 201 -27.66 -31.12 10.49
N THR B 202 -28.57 -30.98 9.54
CA THR B 202 -29.04 -29.68 9.08
C THR B 202 -30.16 -29.90 8.06
N SER B 203 -31.22 -29.12 8.11
CA SER B 203 -32.07 -29.00 6.94
C SER B 203 -31.44 -27.98 6.01
N ARG B 204 -31.72 -28.09 4.72
CA ARG B 204 -31.09 -27.22 3.74
C ARG B 204 -32.14 -26.57 2.86
N ILE B 205 -31.79 -25.40 2.35
CA ILE B 205 -32.71 -24.61 1.55
C ILE B 205 -33.07 -25.32 0.26
N VAL B 206 -32.23 -26.26 -0.18
CA VAL B 206 -32.42 -26.93 -1.46
C VAL B 206 -33.24 -28.21 -1.34
N SER B 207 -33.77 -28.54 -0.16
CA SER B 207 -34.52 -29.79 -0.05
C SER B 207 -35.70 -29.62 0.90
N HIS B 208 -36.34 -30.75 1.23
CA HIS B 208 -37.52 -30.80 2.09
C HIS B 208 -37.18 -30.44 3.53
N ILE B 209 -38.14 -29.79 4.21
CA ILE B 209 -37.98 -29.40 5.61
C ILE B 209 -37.46 -30.56 6.46
N GLU B 210 -38.04 -31.76 6.28
CA GLU B 210 -37.69 -32.90 7.12
C GLU B 210 -36.43 -33.64 6.66
N ASP B 211 -35.81 -33.20 5.58
CA ASP B 211 -34.68 -33.91 4.97
C ASP B 211 -33.39 -33.36 5.57
N ASP B 212 -33.07 -33.81 6.79
CA ASP B 212 -32.12 -33.07 7.62
C ASP B 212 -30.91 -33.89 8.05
N SER B 213 -30.63 -34.99 7.37
CA SER B 213 -29.44 -35.81 7.62
C SER B 213 -28.65 -35.88 6.32
N TRP B 214 -27.54 -35.16 6.27
CA TRP B 214 -26.71 -35.04 5.08
C TRP B 214 -25.38 -35.75 5.29
N VAL B 215 -24.78 -36.20 4.18
CA VAL B 215 -23.54 -36.97 4.24
C VAL B 215 -22.57 -36.41 3.20
N ASN B 216 -21.39 -35.96 3.64
CA ASN B 216 -20.39 -35.37 2.76
C ASN B 216 -19.18 -36.28 2.57
N TRP B 217 -18.46 -36.05 1.47
CA TRP B 217 -17.31 -36.83 1.04
C TRP B 217 -16.51 -35.97 0.09
N PHE B 218 -15.18 -36.03 0.14
CA PHE B 218 -14.47 -35.31 -0.92
C PHE B 218 -13.09 -35.90 -1.20
N ARG B 219 -12.56 -35.54 -2.36
CA ARG B 219 -11.23 -35.98 -2.77
C ARG B 219 -10.49 -34.82 -3.42
N LEU B 220 -9.20 -34.69 -3.09
CA LEU B 220 -8.29 -33.78 -3.79
C LEU B 220 -7.16 -34.61 -4.37
N SER B 221 -7.09 -34.71 -5.70
CA SER B 221 -5.89 -35.24 -6.35
C SER B 221 -4.89 -34.13 -6.64
N HIS B 222 -5.37 -32.90 -6.66
CA HIS B 222 -4.63 -31.68 -6.94
C HIS B 222 -4.78 -30.81 -5.69
N PRO B 223 -3.70 -30.22 -5.17
CA PRO B 223 -3.81 -29.54 -3.85
C PRO B 223 -4.74 -28.33 -3.82
N LEU B 224 -5.19 -27.82 -4.97
CA LEU B 224 -6.06 -26.63 -5.01
C LEU B 224 -7.38 -26.88 -5.74
N CYS B 225 -7.73 -28.15 -5.96
N CYS B 225 -7.76 -28.15 -5.90
CA CYS B 225 -9.03 -28.48 -6.50
CA CYS B 225 -9.02 -28.49 -6.51
C CYS B 225 -9.68 -29.53 -5.60
C CYS B 225 -9.69 -29.58 -5.68
N GLN B 226 -10.99 -29.42 -5.43
CA GLN B 226 -11.71 -30.31 -4.54
C GLN B 226 -12.98 -30.81 -5.23
N TYR B 227 -13.15 -32.12 -5.25
CA TYR B 227 -14.35 -32.80 -5.71
C TYR B 227 -15.16 -33.20 -4.49
N CYS B 228 -16.33 -32.58 -4.29
N CYS B 228 -16.32 -32.57 -4.30
CA CYS B 228 -17.14 -32.82 -3.10
CA CYS B 228 -17.17 -32.81 -3.15
C CYS B 228 -18.49 -33.39 -3.47
C CYS B 228 -18.45 -33.52 -3.57
N VAL B 229 -18.96 -34.35 -2.66
CA VAL B 229 -20.24 -35.03 -2.85
C VAL B 229 -21.03 -34.88 -1.56
N SER B 230 -22.24 -34.34 -1.68
CA SER B 230 -23.11 -34.09 -0.53
C SER B 230 -24.45 -34.75 -0.81
N GLU B 231 -24.87 -35.67 0.06
CA GLU B 231 -25.94 -36.58 -0.32
C GLU B 231 -26.90 -36.84 0.85
N SER B 232 -28.20 -36.79 0.55
CA SER B 232 -29.28 -37.12 1.49
C SER B 232 -30.10 -38.24 0.87
N PRO B 233 -31.07 -38.82 1.58
CA PRO B 233 -31.94 -39.80 0.92
C PRO B 233 -32.76 -39.21 -0.21
N GLU B 234 -32.89 -37.90 -0.28
CA GLU B 234 -33.73 -37.28 -1.30
C GLU B 234 -32.94 -36.69 -2.46
N MET B 235 -31.68 -36.30 -2.26
CA MET B 235 -30.98 -35.63 -3.35
C MET B 235 -29.47 -35.85 -3.22
N ARG B 236 -28.78 -35.67 -4.32
CA ARG B 236 -27.33 -35.82 -4.37
C ARG B 236 -26.77 -34.61 -5.11
N ILE B 237 -25.82 -33.93 -4.48
CA ILE B 237 -25.22 -32.71 -5.01
C ILE B 237 -23.71 -32.91 -5.06
N VAL B 238 -23.11 -32.63 -6.20
CA VAL B 238 -21.66 -32.73 -6.32
C VAL B 238 -21.13 -31.39 -6.80
N ASP B 239 -19.89 -31.05 -6.42
CA ASP B 239 -19.28 -29.84 -6.94
C ASP B 239 -17.79 -30.03 -7.17
N LEU B 240 -17.26 -29.24 -8.09
CA LEU B 240 -15.84 -29.10 -8.36
C LEU B 240 -15.46 -27.67 -7.97
N MET B 241 -14.74 -27.54 -6.86
N MET B 241 -14.68 -27.55 -6.91
CA MET B 241 -14.23 -26.26 -6.39
CA MET B 241 -14.25 -26.25 -6.41
C MET B 241 -12.80 -26.10 -6.91
C MET B 241 -12.78 -26.05 -6.80
N THR B 242 -12.51 -24.96 -7.52
CA THR B 242 -11.17 -24.68 -8.02
C THR B 242 -10.68 -23.36 -7.41
N ILE B 243 -9.42 -23.33 -7.00
CA ILE B 243 -8.82 -22.16 -6.35
C ILE B 243 -7.63 -21.76 -7.19
N ALA B 244 -7.72 -20.61 -7.84
CA ALA B 244 -6.63 -20.13 -8.69
C ALA B 244 -5.64 -19.35 -7.83
N PRO B 245 -4.38 -19.80 -7.72
CA PRO B 245 -3.42 -19.06 -6.89
C PRO B 245 -2.84 -17.85 -7.61
N ILE B 246 -3.50 -16.70 -7.48
CA ILE B 246 -3.01 -15.45 -8.09
C ILE B 246 -1.59 -15.16 -7.65
N ASP B 247 -1.36 -15.14 -6.34
CA ASP B 247 -0.02 -15.09 -5.77
C ASP B 247 -0.08 -15.78 -4.41
N GLU B 248 0.97 -15.59 -3.62
CA GLU B 248 1.06 -16.23 -2.30
C GLU B 248 -0.06 -15.81 -1.37
N ASP B 249 -0.68 -14.66 -1.60
CA ASP B 249 -1.60 -14.11 -0.61
C ASP B 249 -2.99 -13.84 -1.15
N ASN B 250 -3.28 -14.21 -2.41
CA ASN B 250 -4.57 -13.90 -3.01
C ASN B 250 -5.01 -15.06 -3.90
N SER B 251 -6.33 -15.28 -3.97
CA SER B 251 -6.89 -16.48 -4.60
C SER B 251 -8.21 -16.14 -5.28
N VAL B 252 -8.55 -16.89 -6.32
CA VAL B 252 -9.88 -16.82 -6.91
C VAL B 252 -10.56 -18.17 -6.75
N LEU B 253 -11.70 -18.17 -6.05
CA LEU B 253 -12.49 -19.38 -5.86
C LEU B 253 -13.61 -19.43 -6.90
N ARG B 254 -13.80 -20.62 -7.50
CA ARG B 254 -14.92 -20.93 -8.38
C ARG B 254 -15.50 -22.27 -7.98
N MET B 255 -16.83 -22.42 -8.15
N MET B 255 -16.81 -22.38 -8.14
CA MET B 255 -17.50 -23.68 -7.84
CA MET B 255 -17.55 -23.60 -7.91
C MET B 255 -18.45 -24.07 -8.97
C MET B 255 -18.29 -23.99 -9.17
N LEU B 256 -18.27 -25.27 -9.49
CA LEU B 256 -19.17 -25.84 -10.49
C LEU B 256 -20.02 -26.86 -9.74
N ILE B 257 -21.34 -26.63 -9.72
CA ILE B 257 -22.27 -27.40 -8.91
C ILE B 257 -23.17 -28.24 -9.82
N MET B 258 -23.33 -29.52 -9.49
CA MET B 258 -24.27 -30.36 -10.24
C MET B 258 -25.19 -31.09 -9.25
N TRP B 259 -26.44 -31.35 -9.68
CA TRP B 259 -27.36 -32.06 -8.80
C TRP B 259 -28.34 -32.94 -9.59
N ASN B 260 -28.66 -34.09 -9.03
N ASN B 260 -28.78 -34.04 -8.98
CA ASN B 260 -29.64 -35.02 -9.61
CA ASN B 260 -29.62 -35.08 -9.60
C ASN B 260 -31.01 -34.65 -9.07
C ASN B 260 -31.13 -34.82 -9.51
N GLY B 261 -31.56 -33.57 -9.62
CA GLY B 261 -32.93 -33.21 -9.29
C GLY B 261 -33.45 -32.15 -10.25
N SER B 262 -34.59 -31.55 -9.88
CA SER B 262 -35.27 -30.64 -10.79
C SER B 262 -34.39 -29.44 -11.13
N GLU B 263 -34.39 -29.07 -12.41
N GLU B 263 -34.39 -29.09 -12.42
CA GLU B 263 -33.66 -27.87 -12.83
CA GLU B 263 -33.74 -27.87 -12.90
C GLU B 263 -34.21 -26.62 -12.13
C GLU B 263 -34.21 -26.64 -12.14
N MET B 264 -35.42 -26.68 -11.57
CA MET B 264 -36.02 -25.55 -10.89
C MET B 264 -35.22 -25.12 -9.65
N LEU B 265 -34.42 -26.03 -9.07
CA LEU B 265 -33.69 -25.78 -7.84
C LEU B 265 -32.48 -24.86 -8.02
N GLU B 266 -32.17 -24.46 -9.25
CA GLU B 266 -30.93 -23.73 -9.52
C GLU B 266 -30.80 -22.45 -8.69
N SER B 267 -31.87 -21.66 -8.59
N SER B 267 -31.87 -21.66 -8.60
CA SER B 267 -31.77 -20.39 -7.88
CA SER B 267 -31.80 -20.39 -7.88
C SER B 267 -31.47 -20.60 -6.40
C SER B 267 -31.46 -20.61 -6.41
N LYS B 268 -32.13 -21.57 -5.77
CA LYS B 268 -31.87 -21.84 -4.36
C LYS B 268 -30.46 -22.41 -4.15
N MET B 269 -29.98 -23.22 -5.10
N MET B 269 -29.98 -23.22 -5.10
CA MET B 269 -28.62 -23.74 -5.03
CA MET B 269 -28.61 -23.74 -5.01
C MET B 269 -27.60 -22.61 -5.01
C MET B 269 -27.60 -22.59 -4.99
N LEU B 270 -27.76 -21.65 -5.92
CA LEU B 270 -26.83 -20.52 -5.97
C LEU B 270 -26.96 -19.65 -4.73
N THR B 271 -28.16 -19.51 -4.19
CA THR B 271 -28.33 -18.75 -2.94
C THR B 271 -27.59 -19.42 -1.77
N GLU B 272 -27.73 -20.74 -1.64
CA GLU B 272 -27.08 -21.43 -0.53
C GLU B 272 -25.56 -21.32 -0.63
N TYR B 273 -25.01 -21.58 -1.82
CA TYR B 273 -23.56 -21.50 -1.99
C TYR B 273 -23.06 -20.07 -1.83
N ASP B 274 -23.80 -19.08 -2.32
CA ASP B 274 -23.38 -17.70 -2.11
C ASP B 274 -23.38 -17.34 -0.63
N GLU B 275 -24.44 -17.71 0.11
CA GLU B 275 -24.49 -17.43 1.54
C GLU B 275 -23.32 -18.07 2.26
N THR B 276 -23.07 -19.35 2.01
CA THR B 276 -22.04 -20.04 2.79
C THR B 276 -20.64 -19.59 2.38
N ILE B 277 -20.39 -19.37 1.09
CA ILE B 277 -19.05 -18.93 0.67
C ILE B 277 -18.71 -17.59 1.32
N GLU B 278 -19.68 -16.67 1.35
CA GLU B 278 -19.40 -15.37 1.97
C GLU B 278 -19.18 -15.50 3.47
N GLN B 279 -19.88 -16.43 4.12
CA GLN B 279 -19.57 -16.68 5.53
C GLN B 279 -18.14 -17.18 5.70
N ASP B 280 -17.68 -18.07 4.82
CA ASP B 280 -16.30 -18.53 4.90
C ASP B 280 -15.31 -17.41 4.64
N ILE B 281 -15.61 -16.53 3.66
CA ILE B 281 -14.65 -15.49 3.30
C ILE B 281 -14.42 -14.54 4.48
N ARG B 282 -15.45 -14.27 5.28
CA ARG B 282 -15.28 -13.37 6.43
C ARG B 282 -14.21 -13.91 7.38
N ILE B 283 -14.19 -15.23 7.61
CA ILE B 283 -13.16 -15.85 8.42
C ILE B 283 -11.80 -15.80 7.71
N LEU B 284 -11.77 -16.22 6.43
CA LEU B 284 -10.52 -16.32 5.68
C LEU B 284 -9.76 -15.00 5.67
N HIS B 285 -10.48 -13.90 5.47
CA HIS B 285 -9.80 -12.60 5.46
C HIS B 285 -9.19 -12.26 6.82
N SER B 286 -9.67 -12.86 7.91
CA SER B 286 -9.20 -12.46 9.25
C SER B 286 -8.03 -13.29 9.77
N GLN B 287 -7.76 -14.46 9.19
CA GLN B 287 -6.79 -15.38 9.77
C GLN B 287 -5.37 -14.84 9.68
N GLN B 288 -4.59 -15.04 10.76
CA GLN B 288 -3.18 -14.73 10.78
C GLN B 288 -2.39 -15.94 11.27
N PRO B 289 -1.19 -16.15 10.74
CA PRO B 289 -0.62 -15.40 9.62
C PRO B 289 -1.36 -15.72 8.33
N ALA B 290 -1.04 -15.01 7.24
CA ALA B 290 -1.76 -15.19 5.99
C ALA B 290 -1.40 -16.50 5.31
N ARG B 291 -0.15 -16.92 5.43
CA ARG B 291 0.25 -18.21 4.88
C ARG B 291 -0.22 -19.35 5.80
N LEU B 292 -0.54 -20.47 5.18
CA LEU B 292 -0.95 -21.65 5.92
C LEU B 292 0.23 -22.23 6.70
N PRO B 293 0.15 -22.34 8.02
CA PRO B 293 1.24 -22.98 8.76
C PRO B 293 1.21 -24.50 8.55
N LEU B 294 2.32 -25.04 8.10
CA LEU B 294 2.49 -26.49 8.01
C LEU B 294 2.77 -27.06 9.40
N LEU B 295 2.90 -28.37 9.50
CA LEU B 295 3.10 -29.00 10.80
C LEU B 295 4.53 -28.79 11.27
N ALA B 296 4.69 -28.67 12.58
CA ALA B 296 6.03 -28.48 13.14
C ALA B 296 6.03 -28.81 14.62
N PRO B 297 6.41 -30.04 15.02
CA PRO B 297 6.45 -30.45 16.43
C PRO B 297 7.61 -29.80 17.19
N GLY B 304 6.80 -15.32 18.34
CA GLY B 304 5.61 -14.58 17.96
C GLY B 304 4.30 -15.28 18.28
N LEU B 305 3.50 -15.52 17.24
CA LEU B 305 2.17 -16.11 17.41
C LEU B 305 2.29 -17.56 17.90
N PRO B 306 1.36 -17.99 18.75
CA PRO B 306 1.40 -19.40 19.20
C PRO B 306 1.22 -20.35 18.02
N GLN B 307 1.72 -21.57 18.20
CA GLN B 307 1.53 -22.63 17.21
C GLN B 307 0.06 -23.07 17.15
N GLU B 308 -0.35 -23.56 15.98
CA GLU B 308 -1.70 -24.12 15.82
C GLU B 308 -1.93 -25.30 16.76
N ILE B 309 -3.15 -25.40 17.26
CA ILE B 309 -3.62 -26.53 18.08
C ILE B 309 -4.52 -27.40 17.19
N HIS B 310 -4.44 -28.71 17.35
CA HIS B 310 -5.25 -29.65 16.57
C HIS B 310 -6.01 -30.58 17.50
N VAL B 311 -7.29 -30.79 17.20
CA VAL B 311 -8.14 -31.72 17.94
C VAL B 311 -8.60 -32.78 16.93
N PRO B 312 -9.27 -33.88 17.34
CA PRO B 312 -9.49 -34.99 16.39
C PRO B 312 -10.30 -34.64 15.16
N SER B 313 -11.29 -33.75 15.28
CA SER B 313 -12.06 -33.34 14.12
C SER B 313 -11.25 -32.52 13.13
N ASP B 314 -10.00 -32.15 13.49
CA ASP B 314 -9.06 -31.52 12.57
C ASP B 314 -8.26 -32.52 11.75
N ARG B 315 -8.59 -33.82 11.82
CA ARG B 315 -7.75 -34.82 11.16
C ARG B 315 -7.57 -34.55 9.66
N GLY B 316 -8.60 -34.03 8.99
CA GLY B 316 -8.49 -33.73 7.57
C GLY B 316 -7.61 -32.53 7.28
N THR B 317 -7.76 -31.44 8.07
CA THR B 317 -6.91 -30.27 7.84
C THR B 317 -5.46 -30.53 8.26
N VAL B 318 -5.24 -31.40 9.26
CA VAL B 318 -3.88 -31.85 9.58
C VAL B 318 -3.30 -32.66 8.42
N ALA B 319 -4.05 -33.65 7.93
CA ALA B 319 -3.57 -34.43 6.79
C ALA B 319 -3.26 -33.52 5.60
N TYR B 320 -4.03 -32.44 5.42
CA TYR B 320 -3.73 -31.52 4.31
C TYR B 320 -2.36 -30.87 4.49
N ARG B 321 -2.09 -30.34 5.68
CA ARG B 321 -0.78 -29.73 5.92
C ARG B 321 0.35 -30.74 5.74
N ARG B 322 0.15 -31.97 6.21
CA ARG B 322 1.16 -33.01 6.00
C ARG B 322 1.35 -33.29 4.51
N TRP B 323 0.26 -33.42 3.78
CA TRP B 323 0.35 -33.69 2.33
C TRP B 323 1.14 -32.60 1.61
N LEU B 324 0.95 -31.34 2.01
CA LEU B 324 1.59 -30.23 1.31
C LEU B 324 3.10 -30.26 1.51
N LYS B 325 3.57 -30.65 2.70
CA LYS B 325 5.01 -30.78 2.93
C LYS B 325 5.59 -31.94 2.13
N GLU B 326 4.90 -33.09 2.09
CA GLU B 326 5.34 -34.22 1.25
C GLU B 326 5.47 -33.83 -0.21
N LEU B 327 4.57 -32.97 -0.70
CA LEU B 327 4.61 -32.54 -2.09
C LEU B 327 5.65 -31.46 -2.36
N GLY B 328 6.29 -30.93 -1.31
CA GLY B 328 7.30 -29.91 -1.47
C GLY B 328 6.79 -28.48 -1.56
N VAL B 329 5.55 -28.22 -1.17
CA VAL B 329 5.01 -26.88 -1.32
C VAL B 329 5.71 -25.94 -0.36
N THR B 330 6.26 -24.85 -0.91
CA THR B 330 6.79 -23.74 -0.13
C THR B 330 6.05 -22.44 -0.40
N TYR B 331 5.23 -22.39 -1.46
CA TYR B 331 4.56 -21.17 -1.88
C TYR B 331 3.28 -20.95 -1.07
N GLY B 332 3.15 -19.76 -0.48
CA GLY B 332 1.97 -19.40 0.28
C GLY B 332 1.72 -20.23 1.53
N VAL B 333 2.74 -20.95 2.02
CA VAL B 333 2.61 -21.75 3.23
C VAL B 333 3.64 -21.29 4.25
N CYS B 334 3.32 -21.59 5.50
CA CYS B 334 3.98 -21.21 6.77
C CYS B 334 3.86 -19.73 7.12
N MET C 1 14.93 7.83 -2.73
CA MET C 1 15.36 7.26 -3.99
C MET C 1 16.29 8.24 -4.72
N THR C 2 17.52 8.35 -4.25
CA THR C 2 18.50 9.32 -4.75
C THR C 2 19.68 8.62 -5.42
N THR C 3 20.37 9.36 -6.28
CA THR C 3 21.43 8.86 -7.14
C THR C 3 22.75 9.59 -6.90
N ALA C 4 23.83 8.91 -7.25
CA ALA C 4 25.15 9.53 -7.33
C ALA C 4 25.64 9.64 -8.77
N ASP C 5 24.87 9.15 -9.74
CA ASP C 5 25.25 9.29 -11.14
C ASP C 5 25.53 10.76 -11.44
N LEU C 6 26.76 11.04 -11.89
CA LEU C 6 27.17 12.43 -12.07
C LEU C 6 26.39 13.09 -13.20
N ILE C 7 26.18 12.37 -14.31
CA ILE C 7 25.43 12.94 -15.42
C ILE C 7 24.02 13.34 -14.98
N LEU C 8 23.54 12.78 -13.88
CA LEU C 8 22.25 13.19 -13.31
C LEU C 8 22.41 14.24 -12.21
N ILE C 9 23.25 13.95 -11.20
CA ILE C 9 23.31 14.86 -10.06
C ILE C 9 24.01 16.16 -10.44
N ASN C 10 24.98 16.11 -11.38
CA ASN C 10 25.71 17.29 -11.83
C ASN C 10 25.11 17.92 -13.07
N ASN C 11 23.80 17.78 -13.28
CA ASN C 11 23.15 18.34 -14.45
C ASN C 11 21.98 19.20 -14.02
N TRP C 12 21.41 19.95 -14.97
CA TRP C 12 20.27 20.83 -14.72
C TRP C 12 18.98 20.11 -15.10
N HIS C 13 17.93 20.31 -14.29
CA HIS C 13 16.62 19.73 -14.57
C HIS C 13 15.52 20.75 -14.32
N VAL C 14 14.55 20.81 -15.23
CA VAL C 14 13.37 21.66 -15.03
C VAL C 14 12.50 21.09 -13.92
N VAL C 15 12.14 21.93 -12.95
CA VAL C 15 11.24 21.53 -11.88
C VAL C 15 9.93 22.31 -11.86
N ALA C 16 9.78 23.35 -12.67
CA ALA C 16 8.62 24.23 -12.58
C ALA C 16 8.65 25.24 -13.71
N ASN C 17 7.51 25.86 -13.95
CA ASN C 17 7.38 26.95 -14.89
C ASN C 17 7.42 28.27 -14.14
N VAL C 18 8.11 29.27 -14.72
CA VAL C 18 8.31 30.53 -14.01
C VAL C 18 6.99 31.19 -13.67
N GLU C 19 5.97 31.04 -14.53
CA GLU C 19 4.64 31.59 -14.23
C GLU C 19 4.04 31.00 -12.96
N ASP C 20 4.41 29.77 -12.60
CA ASP C 20 3.92 29.16 -11.37
C ASP C 20 4.56 29.72 -10.10
N CYS C 21 5.63 30.50 -10.20
CA CYS C 21 6.37 31.00 -9.05
C CYS C 21 6.20 32.51 -8.95
N LYS C 22 5.05 32.95 -8.47
CA LYS C 22 4.79 34.37 -8.31
C LYS C 22 5.49 34.93 -7.07
N PRO C 23 5.66 36.24 -6.99
CA PRO C 23 6.30 36.83 -5.80
C PRO C 23 5.53 36.54 -4.54
N GLY C 24 6.27 36.35 -3.44
CA GLY C 24 5.68 35.97 -2.18
C GLY C 24 5.14 34.56 -2.11
N SER C 25 5.33 33.74 -3.14
CA SER C 25 4.70 32.42 -3.20
C SER C 25 5.64 31.33 -2.67
N ILE C 26 5.04 30.22 -2.28
CA ILE C 26 5.75 29.01 -1.88
C ILE C 26 5.17 27.84 -2.66
N THR C 27 6.02 27.11 -3.37
CA THR C 27 5.59 25.93 -4.10
C THR C 27 6.58 24.81 -3.80
N THR C 28 6.19 23.58 -4.15
CA THR C 28 7.00 22.39 -3.88
C THR C 28 7.24 21.61 -5.16
N ALA C 29 8.28 20.79 -5.14
CA ALA C 29 8.55 19.87 -6.24
C ALA C 29 9.44 18.76 -5.69
N ARG C 30 9.60 17.70 -6.48
CA ARG C 30 10.52 16.62 -6.14
C ARG C 30 11.48 16.42 -7.30
N LEU C 31 12.75 16.16 -6.98
CA LEU C 31 13.74 15.92 -8.02
C LEU C 31 14.75 14.88 -7.55
N LEU C 32 14.89 13.79 -8.32
CA LEU C 32 15.89 12.77 -8.03
C LEU C 32 15.76 12.27 -6.59
N GLY C 33 14.51 12.16 -6.13
CA GLY C 33 14.24 11.69 -4.79
C GLY C 33 14.36 12.73 -3.69
N VAL C 34 14.57 13.99 -4.02
CA VAL C 34 14.73 15.07 -3.04
C VAL C 34 13.48 15.94 -3.08
N LYS C 35 12.95 16.28 -1.90
CA LYS C 35 11.82 17.21 -1.82
C LYS C 35 12.35 18.65 -1.82
N LEU C 36 11.81 19.47 -2.72
N LEU C 36 11.78 19.48 -2.69
CA LEU C 36 12.26 20.85 -2.87
CA LEU C 36 12.25 20.85 -2.87
C LEU C 36 11.18 21.83 -2.42
C LEU C 36 11.17 21.83 -2.45
N VAL C 37 11.62 22.98 -1.91
CA VAL C 37 10.74 24.11 -1.69
C VAL C 37 11.27 25.24 -2.57
N LEU C 38 10.37 25.85 -3.33
CA LEU C 38 10.67 27.01 -4.16
C LEU C 38 9.94 28.21 -3.57
N TRP C 39 10.66 29.29 -3.31
CA TRP C 39 10.01 30.47 -2.75
C TRP C 39 10.68 31.74 -3.27
N ARG C 40 9.90 32.82 -3.30
CA ARG C 40 10.39 34.13 -3.69
C ARG C 40 9.89 35.17 -2.69
N SER C 41 10.72 36.19 -2.44
CA SER C 41 10.23 37.31 -1.64
C SER C 41 9.13 38.05 -2.41
N GLN C 42 8.45 38.97 -1.72
CA GLN C 42 7.39 39.75 -2.33
C GLN C 42 7.92 40.83 -3.27
N GLU C 43 9.21 41.13 -3.22
CA GLU C 43 9.78 42.15 -4.08
C GLU C 43 9.57 41.77 -5.55
N GLN C 44 9.22 42.76 -6.36
CA GLN C 44 9.23 42.55 -7.79
C GLN C 44 10.62 42.10 -8.22
N ASN C 45 10.68 41.19 -9.18
CA ASN C 45 11.92 40.70 -9.77
C ASN C 45 12.78 39.91 -8.79
N SER C 46 12.21 39.52 -7.65
CA SER C 46 12.96 38.77 -6.65
C SER C 46 13.40 37.41 -7.22
N PRO C 47 14.57 36.93 -6.83
CA PRO C 47 15.05 35.64 -7.32
C PRO C 47 14.24 34.49 -6.74
N ILE C 48 14.41 33.31 -7.34
CA ILE C 48 13.74 32.08 -6.88
C ILE C 48 14.75 31.28 -6.08
N GLN C 49 14.40 31.02 -4.82
CA GLN C 49 15.18 30.12 -3.97
C GLN C 49 14.66 28.70 -4.13
N VAL C 50 15.58 27.74 -4.23
CA VAL C 50 15.23 26.33 -4.33
C VAL C 50 16.08 25.58 -3.31
N TRP C 51 15.41 25.08 -2.26
CA TRP C 51 16.07 24.45 -1.14
C TRP C 51 15.49 23.05 -0.93
N GLN C 52 16.24 22.22 -0.23
CA GLN C 52 15.62 21.04 0.37
C GLN C 52 14.55 21.49 1.35
N ASP C 53 13.38 20.88 1.25
CA ASP C 53 12.18 21.32 1.96
C ASP C 53 12.22 20.76 3.38
N TYR C 54 13.02 21.42 4.23
CA TYR C 54 13.36 20.80 5.51
C TYR C 54 14.02 21.79 6.47
N CYS C 55 13.41 21.98 7.63
CA CYS C 55 13.99 22.81 8.69
C CYS C 55 14.90 21.94 9.57
N PRO C 56 16.20 22.24 9.67
CA PRO C 56 17.09 21.37 10.45
C PRO C 56 16.89 21.44 11.96
N HIS C 57 15.97 22.29 12.44
CA HIS C 57 15.72 22.37 13.89
C HIS C 57 14.97 21.14 14.39
N ARG C 58 13.73 20.94 13.93
CA ARG C 58 12.94 19.77 14.30
C ARG C 58 12.29 19.09 13.08
N GLY C 59 12.81 19.33 11.87
CA GLY C 59 12.46 18.51 10.73
C GLY C 59 11.09 18.76 10.13
N VAL C 60 10.57 19.98 10.23
CA VAL C 60 9.29 20.36 9.63
C VAL C 60 9.55 20.80 8.20
N PRO C 61 8.65 20.56 7.23
CA PRO C 61 8.85 21.14 5.90
C PRO C 61 8.76 22.66 5.94
N LEU C 62 9.77 23.34 5.41
CA LEU C 62 9.74 24.79 5.31
C LEU C 62 8.56 25.28 4.46
N SER C 63 8.09 24.44 3.53
CA SER C 63 7.00 24.83 2.63
C SER C 63 5.66 25.03 3.34
N MET C 64 5.54 24.58 4.59
CA MET C 64 4.35 24.87 5.41
C MET C 64 4.44 26.22 6.12
N GLY C 65 5.53 26.95 5.98
CA GLY C 65 5.67 28.25 6.61
C GLY C 65 5.10 29.38 5.77
N GLU C 66 5.68 30.56 5.93
CA GLU C 66 5.23 31.71 5.14
C GLU C 66 6.44 32.58 4.81
N VAL C 67 6.26 33.42 3.81
CA VAL C 67 7.27 34.37 3.39
C VAL C 67 7.06 35.66 4.16
N ALA C 68 8.13 36.16 4.78
CA ALA C 68 8.07 37.41 5.51
C ALA C 68 9.25 38.26 5.06
N ASN C 69 8.93 39.43 4.48
CA ASN C 69 9.96 40.29 3.92
C ASN C 69 10.87 39.50 3.00
N ASN C 70 12.13 39.37 3.37
CA ASN C 70 13.13 38.65 2.60
C ASN C 70 13.42 37.26 3.14
N THR C 71 12.51 36.68 3.92
CA THR C 71 12.86 35.45 4.63
C THR C 71 11.72 34.45 4.51
N LEU C 72 12.09 33.18 4.56
CA LEU C 72 11.14 32.09 4.72
C LEU C 72 11.12 31.69 6.19
N VAL C 73 9.93 31.58 6.77
CA VAL C 73 9.74 31.41 8.21
C VAL C 73 9.09 30.06 8.47
N CYS C 74 9.80 29.20 9.19
CA CYS C 74 9.27 27.89 9.55
C CYS C 74 8.07 28.05 10.50
N PRO C 75 7.01 27.28 10.32
CA PRO C 75 5.80 27.49 11.14
C PRO C 75 5.89 26.96 12.56
N TYR C 76 6.85 26.08 12.86
CA TYR C 76 6.83 25.40 14.16
C TYR C 76 7.38 26.30 15.27
N HIS C 77 8.62 26.79 15.13
CA HIS C 77 9.18 27.73 16.10
C HIS C 77 9.59 29.06 15.46
N GLY C 78 9.25 29.30 14.19
CA GLY C 78 9.45 30.61 13.61
C GLY C 78 10.86 30.99 13.26
N TRP C 79 11.79 30.04 13.14
CA TRP C 79 13.12 30.39 12.68
C TRP C 79 13.02 31.01 11.29
N ARG C 80 13.81 32.05 11.05
CA ARG C 80 13.73 32.82 9.81
C ARG C 80 15.00 32.62 9.00
N TYR C 81 14.83 32.22 7.75
CA TYR C 81 15.93 31.92 6.84
C TYR C 81 15.96 32.97 5.73
N ASN C 82 17.14 33.57 5.51
CA ASN C 82 17.23 34.60 4.48
C ASN C 82 17.35 33.95 3.12
N GLN C 83 17.41 34.79 2.07
CA GLN C 83 17.43 34.29 0.70
C GLN C 83 18.65 33.41 0.44
N ALA C 84 19.75 33.63 1.15
CA ALA C 84 20.93 32.80 1.02
C ALA C 84 20.83 31.50 1.82
N GLY C 85 19.72 31.28 2.54
CA GLY C 85 19.53 30.06 3.29
C GLY C 85 19.97 30.12 4.74
N LYS C 86 20.61 31.21 5.17
CA LYS C 86 21.13 31.31 6.53
C LYS C 86 20.00 31.71 7.48
N CYS C 87 19.92 31.02 8.62
CA CYS C 87 18.96 31.43 9.64
C CYS C 87 19.41 32.75 10.25
N VAL C 88 18.57 33.78 10.18
CA VAL C 88 18.99 35.08 10.70
C VAL C 88 18.36 35.40 12.04
N GLN C 89 17.38 34.63 12.48
CA GLN C 89 16.65 34.97 13.68
C GLN C 89 16.00 33.74 14.26
N ILE C 90 16.20 33.53 15.56
CA ILE C 90 15.56 32.48 16.33
C ILE C 90 14.73 33.14 17.43
N PRO C 91 13.41 33.19 17.27
CA PRO C 91 12.59 34.10 18.10
C PRO C 91 12.62 33.80 19.60
N ALA C 92 12.92 32.57 20.02
CA ALA C 92 12.98 32.24 21.44
C ALA C 92 14.20 32.84 22.12
N HIS C 93 15.17 33.30 21.34
CA HIS C 93 16.40 33.91 21.84
C HIS C 93 16.74 35.09 20.93
N PRO C 94 15.94 36.16 21.01
CA PRO C 94 16.00 37.20 19.97
C PRO C 94 17.35 37.86 19.79
N ASP C 95 18.25 37.79 20.78
CA ASP C 95 19.55 38.45 20.66
C ASP C 95 20.67 37.48 20.35
N MET C 96 20.37 36.19 20.20
CA MET C 96 21.39 35.18 19.97
C MET C 96 21.71 35.09 18.48
N VAL C 97 22.99 35.04 18.14
CA VAL C 97 23.42 34.71 16.79
C VAL C 97 23.19 33.21 16.58
N PRO C 98 22.40 32.82 15.57
CA PRO C 98 22.08 31.40 15.41
C PRO C 98 23.33 30.57 15.22
N PRO C 99 23.28 29.29 15.60
CA PRO C 99 24.40 28.39 15.30
C PRO C 99 24.71 28.38 13.81
N ALA C 100 25.99 28.20 13.50
CA ALA C 100 26.43 28.14 12.10
C ALA C 100 25.64 27.09 11.32
N SER C 101 25.30 25.97 11.96
CA SER C 101 24.58 24.87 11.32
C SER C 101 23.14 25.23 11.00
N ALA C 102 22.60 26.29 11.58
CA ALA C 102 21.23 26.69 11.34
C ALA C 102 21.17 27.34 9.95
N GLN C 103 21.06 26.46 8.95
CA GLN C 103 21.21 26.81 7.55
C GLN C 103 20.34 25.87 6.72
N ALA C 104 19.66 26.41 5.71
CA ALA C 104 18.96 25.54 4.75
C ALA C 104 19.97 24.93 3.79
N LYS C 105 19.65 23.71 3.30
CA LYS C 105 20.47 23.11 2.25
C LYS C 105 20.01 23.65 0.90
N THR C 106 20.82 24.49 0.29
CA THR C 106 20.43 25.23 -0.91
C THR C 106 21.02 24.61 -2.18
N TYR C 107 20.30 24.80 -3.30
CA TYR C 107 20.66 24.24 -4.60
C TYR C 107 20.78 25.37 -5.63
N HIS C 108 21.55 25.10 -6.68
CA HIS C 108 21.65 26.04 -7.79
C HIS C 108 20.34 26.11 -8.55
N CYS C 109 19.96 27.33 -8.91
CA CYS C 109 18.73 27.59 -9.63
C CYS C 109 19.02 28.59 -10.72
N GLN C 110 18.42 28.37 -11.88
CA GLN C 110 18.57 29.28 -13.01
C GLN C 110 17.25 29.32 -13.77
N GLU C 111 16.74 30.52 -14.01
CA GLU C 111 15.61 30.73 -14.89
C GLU C 111 16.12 30.77 -16.32
N ARG C 112 15.56 29.92 -17.19
CA ARG C 112 15.90 29.95 -18.61
C ARG C 112 14.75 29.37 -19.42
N TYR C 113 14.41 30.05 -20.52
CA TYR C 113 13.33 29.68 -21.43
C TYR C 113 11.97 29.77 -20.75
N GLY C 114 11.86 30.58 -19.70
CA GLY C 114 10.65 30.61 -18.91
C GLY C 114 10.49 29.45 -17.95
N LEU C 115 11.51 28.58 -17.83
CA LEU C 115 11.50 27.42 -16.95
C LEU C 115 12.50 27.60 -15.81
N VAL C 116 12.23 26.89 -14.70
CA VAL C 116 13.07 26.95 -13.50
C VAL C 116 13.95 25.71 -13.51
N TRP C 117 15.25 25.89 -13.76
CA TRP C 117 16.19 24.78 -13.82
C TRP C 117 16.92 24.67 -12.50
N VAL C 118 17.16 23.43 -12.07
CA VAL C 118 17.77 23.17 -10.77
C VAL C 118 18.91 22.18 -10.97
N CYS C 119 20.05 22.46 -10.35
CA CYS C 119 21.15 21.50 -10.28
C CYS C 119 21.38 21.19 -8.81
N LEU C 120 21.27 19.91 -8.45
CA LEU C 120 21.47 19.47 -7.08
C LEU C 120 22.93 19.21 -6.73
N GLY C 121 23.81 19.14 -7.73
CA GLY C 121 25.18 18.81 -7.47
C GLY C 121 26.11 19.94 -7.86
N ASN C 122 27.08 19.60 -8.70
CA ASN C 122 28.12 20.51 -9.17
C ASN C 122 27.85 20.82 -10.63
N PRO C 123 27.30 22.00 -10.95
CA PRO C 123 26.88 22.27 -12.33
C PRO C 123 28.02 22.28 -13.33
N VAL C 124 28.50 21.09 -13.68
CA VAL C 124 29.49 20.93 -14.74
C VAL C 124 28.92 21.43 -16.07
N ASN C 125 27.93 20.72 -16.60
CA ASN C 125 27.40 21.00 -17.93
C ASN C 125 26.48 22.22 -17.91
N ASP C 126 26.29 22.80 -19.10
CA ASP C 126 25.38 23.92 -19.25
C ASP C 126 23.95 23.44 -19.50
N ILE C 127 23.02 24.38 -19.40
CA ILE C 127 21.62 24.13 -19.76
C ILE C 127 21.56 23.84 -21.26
N PRO C 128 20.67 22.96 -21.73
CA PRO C 128 20.62 22.67 -23.17
C PRO C 128 20.34 23.92 -24.00
N SER C 129 20.88 23.93 -25.21
CA SER C 129 20.65 25.03 -26.14
C SER C 129 19.24 24.96 -26.72
N PHE C 130 18.66 26.13 -26.95
CA PHE C 130 17.35 26.25 -27.61
C PHE C 130 17.42 27.48 -28.50
N PRO C 131 17.94 27.32 -29.73
CA PRO C 131 18.20 28.49 -30.59
C PRO C 131 16.98 29.38 -30.86
N GLU C 132 15.81 28.79 -31.14
CA GLU C 132 14.66 29.62 -31.52
C GLU C 132 14.15 30.53 -30.39
N TRP C 133 14.63 30.34 -29.15
CA TRP C 133 14.15 31.18 -28.05
C TRP C 133 14.36 32.67 -28.32
N ASP C 134 15.47 33.00 -28.97
CA ASP C 134 15.82 34.39 -29.28
C ASP C 134 15.25 34.87 -30.61
N ASP C 135 14.65 34.00 -31.40
CA ASP C 135 14.20 34.36 -32.75
C ASP C 135 12.82 34.99 -32.66
N PRO C 136 12.69 36.30 -32.93
CA PRO C 136 11.40 36.96 -32.75
C PRO C 136 10.34 36.50 -33.75
N ASN C 137 10.70 35.68 -34.75
CA ASN C 137 9.73 35.10 -35.66
C ASN C 137 8.95 33.94 -35.07
N TYR C 138 9.38 33.41 -33.93
CA TYR C 138 8.78 32.22 -33.35
C TYR C 138 7.94 32.63 -32.15
N HIS C 139 6.65 32.26 -32.16
CA HIS C 139 5.83 32.31 -30.96
C HIS C 139 6.16 31.13 -30.06
N LYS C 140 5.69 31.19 -28.82
CA LYS C 140 5.94 30.13 -27.86
C LYS C 140 4.66 29.75 -27.13
N THR C 141 4.66 28.52 -26.61
CA THR C 141 3.58 28.07 -25.72
C THR C 141 4.12 26.91 -24.90
N TYR C 142 3.47 26.68 -23.77
CA TYR C 142 3.86 25.64 -22.82
C TYR C 142 2.71 24.67 -22.67
N THR C 143 2.98 23.38 -22.77
CA THR C 143 1.97 22.43 -22.37
C THR C 143 1.80 22.47 -20.86
N LYS C 144 0.68 21.97 -20.38
CA LYS C 144 0.62 21.65 -18.98
C LYS C 144 1.67 20.58 -18.68
N SER C 145 1.91 20.37 -17.40
N SER C 145 1.88 20.34 -17.39
CA SER C 145 2.78 19.29 -16.97
CA SER C 145 2.79 19.30 -16.94
C SER C 145 2.02 17.97 -17.01
C SER C 145 2.07 17.96 -16.85
N TYR C 146 2.75 16.89 -17.26
CA TYR C 146 2.18 15.54 -17.27
C TYR C 146 2.96 14.69 -16.29
N LEU C 147 2.29 14.24 -15.24
CA LEU C 147 2.92 13.28 -14.34
C LEU C 147 2.77 11.89 -14.94
N ILE C 148 3.88 11.16 -15.04
CA ILE C 148 3.86 9.86 -15.72
C ILE C 148 4.48 8.85 -14.78
N GLN C 149 3.76 7.75 -14.57
CA GLN C 149 4.25 6.68 -13.71
C GLN C 149 5.13 5.74 -14.54
N ALA C 150 6.28 6.26 -14.98
CA ALA C 150 7.27 5.44 -15.66
C ALA C 150 8.64 6.05 -15.41
N SER C 151 9.67 5.23 -15.53
CA SER C 151 11.05 5.72 -15.42
C SER C 151 11.26 6.89 -16.39
N PRO C 152 12.03 7.91 -16.00
CA PRO C 152 12.28 9.02 -16.94
C PRO C 152 13.01 8.56 -18.20
N PHE C 153 13.81 7.49 -18.10
CA PHE C 153 14.54 7.02 -19.27
C PHE C 153 13.65 6.22 -20.19
N ARG C 154 12.62 5.58 -19.66
CA ARG C 154 11.59 4.99 -20.50
C ARG C 154 10.81 6.06 -21.24
N VAL C 155 10.53 7.17 -20.56
CA VAL C 155 9.80 8.27 -21.19
C VAL C 155 10.60 8.82 -22.36
N MET C 156 11.92 9.01 -22.16
CA MET C 156 12.74 9.55 -23.25
C MET C 156 12.91 8.53 -24.38
N ASP C 157 13.07 7.25 -24.03
CA ASP C 157 13.11 6.17 -25.02
C ASP C 157 11.88 6.20 -25.91
N ASN C 158 10.70 6.33 -25.32
CA ASN C 158 9.47 6.44 -26.11
C ASN C 158 9.49 7.68 -27.00
N SER C 159 10.11 8.76 -26.55
N SER C 159 10.11 8.76 -26.55
CA SER C 159 10.18 9.96 -27.39
CA SER C 159 10.21 9.97 -27.36
C SER C 159 11.23 9.87 -28.50
C SER C 159 11.21 9.84 -28.50
N ILE C 160 12.16 8.92 -28.41
CA ILE C 160 13.14 8.71 -29.47
C ILE C 160 12.63 7.70 -30.50
N ASP C 161 11.90 6.69 -30.04
CA ASP C 161 11.14 5.73 -30.87
C ASP C 161 10.28 6.45 -31.91
N VAL C 162 10.38 6.06 -33.18
CA VAL C 162 9.55 6.63 -34.23
C VAL C 162 8.64 5.62 -34.93
N SER C 163 8.89 4.32 -34.81
CA SER C 163 8.10 3.37 -35.62
C SER C 163 6.69 3.15 -35.09
N HIS C 164 6.39 3.61 -33.86
CA HIS C 164 5.06 3.46 -33.29
C HIS C 164 4.04 4.46 -33.85
N PHE C 165 4.49 5.47 -34.61
CA PHE C 165 3.59 6.53 -35.07
C PHE C 165 2.33 6.02 -35.78
N PRO C 166 2.38 5.03 -36.69
CA PRO C 166 1.15 4.63 -37.39
C PRO C 166 0.20 3.84 -36.51
N PHE C 167 0.60 3.46 -35.31
CA PHE C 167 -0.23 2.62 -34.48
C PHE C 167 -0.90 3.44 -33.37
N ILE C 168 -0.17 3.81 -32.31
CA ILE C 168 -0.86 4.55 -31.26
C ILE C 168 -1.11 6.02 -31.64
N HIS C 169 -0.46 6.55 -32.67
CA HIS C 169 -0.74 7.90 -33.13
C HIS C 169 -1.44 7.91 -34.49
N ASP C 170 -2.14 6.82 -34.81
CA ASP C 170 -2.85 6.74 -36.09
C ASP C 170 -3.84 7.90 -36.21
N GLY C 171 -3.76 8.63 -37.31
CA GLY C 171 -4.60 9.78 -37.49
C GLY C 171 -3.99 11.09 -37.02
N TRP C 172 -2.88 11.05 -36.27
CA TRP C 172 -2.22 12.25 -35.77
C TRP C 172 -0.78 12.37 -36.23
N LEU C 173 0.06 11.35 -36.00
CA LEU C 173 1.45 11.41 -36.45
C LEU C 173 1.80 10.34 -37.47
N GLY C 174 0.88 9.42 -37.74
CA GLY C 174 1.09 8.36 -38.68
C GLY C 174 -0.24 7.90 -39.24
N ASP C 175 -0.17 6.93 -40.15
CA ASP C 175 -1.31 6.44 -40.89
C ASP C 175 -1.20 4.92 -40.91
N ARG C 176 -2.22 4.23 -40.40
CA ARG C 176 -2.16 2.78 -40.36
C ARG C 176 -1.95 2.15 -41.74
N ASN C 177 -2.18 2.89 -42.83
CA ASN C 177 -1.99 2.33 -44.16
C ASN C 177 -0.54 2.40 -44.64
N TYR C 178 0.33 3.16 -43.99
CA TYR C 178 1.74 3.29 -44.37
C TYR C 178 2.59 2.97 -43.14
N THR C 179 2.85 1.68 -42.92
CA THR C 179 3.50 1.27 -41.68
C THR C 179 5.00 1.04 -41.83
N LYS C 180 5.50 0.93 -43.05
CA LYS C 180 6.92 0.67 -43.25
C LYS C 180 7.72 1.90 -42.85
N VAL C 181 8.85 1.70 -42.18
CA VAL C 181 9.70 2.80 -41.75
C VAL C 181 10.92 2.86 -42.65
N GLU C 182 11.11 4.01 -43.31
CA GLU C 182 12.26 4.14 -44.19
C GLU C 182 13.54 4.28 -43.38
N ASP C 183 14.66 4.05 -44.06
CA ASP C 183 15.99 4.19 -43.48
C ASP C 183 16.23 5.60 -42.94
N PHE C 184 16.95 5.70 -41.82
CA PHE C 184 17.35 7.01 -41.30
C PHE C 184 18.66 6.82 -40.54
N GLU C 185 19.32 7.93 -40.23
CA GLU C 185 20.63 7.91 -39.59
C GLU C 185 20.55 8.41 -38.16
N VAL C 186 21.43 7.88 -37.32
CA VAL C 186 21.58 8.31 -35.94
C VAL C 186 23.06 8.26 -35.59
N LYS C 187 23.51 9.26 -34.84
CA LYS C 187 24.90 9.44 -34.45
C LYS C 187 24.95 9.71 -32.95
N VAL C 188 25.92 9.13 -32.25
CA VAL C 188 26.24 9.53 -30.88
C VAL C 188 27.71 9.91 -30.81
N ASP C 189 27.99 11.13 -30.38
CA ASP C 189 29.35 11.62 -30.25
C ASP C 189 29.47 12.61 -29.12
N LYS C 190 30.32 13.63 -29.30
CA LYS C 190 30.58 14.61 -28.23
C LYS C 190 29.39 15.51 -27.97
N ASP C 191 28.53 15.71 -28.97
CA ASP C 191 27.35 16.55 -28.82
C ASP C 191 26.10 15.75 -28.42
N GLY C 192 26.28 14.51 -27.98
CA GLY C 192 25.18 13.64 -27.60
C GLY C 192 24.62 12.83 -28.75
N LEU C 193 23.31 12.63 -28.75
CA LEU C 193 22.64 11.79 -29.73
C LEU C 193 21.91 12.66 -30.72
N THR C 194 22.15 12.43 -32.00
CA THR C 194 21.50 13.18 -33.06
C THR C 194 20.82 12.20 -34.00
N MET C 195 19.52 12.40 -34.20
CA MET C 195 18.72 11.57 -35.08
C MET C 195 18.48 12.37 -36.34
N GLY C 196 18.92 11.81 -37.47
CA GLY C 196 18.83 12.49 -38.75
C GLY C 196 17.40 12.57 -39.21
N LYS C 197 17.24 13.11 -40.42
CA LYS C 197 15.90 13.41 -40.93
C LYS C 197 15.13 12.12 -41.25
N TYR C 198 13.86 12.11 -40.87
CA TYR C 198 12.92 11.04 -41.14
C TYR C 198 11.57 11.68 -41.41
N GLN C 199 10.69 10.91 -42.03
CA GLN C 199 9.36 11.41 -42.37
C GLN C 199 8.44 10.21 -42.55
N PHE C 200 7.17 10.42 -42.22
CA PHE C 200 6.16 9.35 -42.29
C PHE C 200 5.15 9.63 -43.39
N GLN C 201 4.94 8.64 -44.25
CA GLN C 201 3.93 8.74 -45.29
C GLN C 201 2.55 8.86 -44.65
N THR C 202 1.72 9.73 -45.23
CA THR C 202 0.35 9.92 -44.78
C THR C 202 -0.54 10.02 -46.01
N SER C 203 -1.85 10.03 -45.80
CA SER C 203 -2.79 10.00 -46.92
C SER C 203 -3.18 11.40 -47.37
N TRP C 214 5.74 16.59 -43.47
CA TRP C 214 6.50 16.89 -42.25
C TRP C 214 7.81 16.11 -42.19
N VAL C 215 8.93 16.83 -42.09
CA VAL C 215 10.25 16.24 -41.94
C VAL C 215 10.81 16.63 -40.59
N ASN C 216 11.41 15.66 -39.89
CA ASN C 216 11.75 15.83 -38.50
C ASN C 216 13.18 15.37 -38.22
N TRP C 217 13.76 15.96 -37.18
CA TRP C 217 15.02 15.50 -36.64
C TRP C 217 15.12 16.03 -35.22
N PHE C 218 16.05 15.48 -34.45
CA PHE C 218 16.14 15.90 -33.06
C PHE C 218 17.52 15.55 -32.52
N ARG C 219 17.84 16.17 -31.39
CA ARG C 219 19.14 16.10 -30.77
C ARG C 219 18.98 16.07 -29.26
N LEU C 220 19.78 15.25 -28.59
CA LEU C 220 19.89 15.23 -27.14
C LEU C 220 21.36 15.49 -26.78
N SER C 221 21.62 16.58 -26.07
CA SER C 221 22.93 16.77 -25.45
C SER C 221 22.92 16.29 -24.01
N HIS C 222 21.75 16.27 -23.42
CA HIS C 222 21.37 15.91 -22.08
C HIS C 222 20.43 14.69 -22.20
N PRO C 223 20.68 13.59 -21.49
CA PRO C 223 19.88 12.38 -21.74
C PRO C 223 18.39 12.51 -21.37
N LEU C 224 17.99 13.55 -20.65
CA LEU C 224 16.57 13.73 -20.31
C LEU C 224 15.97 14.99 -20.91
N CYS C 225 16.64 15.61 -21.88
N CYS C 225 16.61 15.56 -21.93
CA CYS C 225 16.07 16.70 -22.64
CA CYS C 225 16.10 16.73 -22.63
C CYS C 225 16.20 16.38 -24.12
C CYS C 225 16.26 16.51 -24.13
N GLN C 226 15.19 16.76 -24.88
CA GLN C 226 15.17 16.52 -26.32
C GLN C 226 14.79 17.80 -27.07
N TYR C 227 15.62 18.17 -28.04
CA TYR C 227 15.36 19.29 -28.93
C TYR C 227 14.84 18.70 -30.24
N CYS C 228 13.59 18.98 -30.57
N CYS C 228 13.60 18.99 -30.59
CA CYS C 228 12.94 18.43 -31.75
CA CYS C 228 12.96 18.37 -31.75
C CYS C 228 12.69 19.52 -32.77
C CYS C 228 12.55 19.41 -32.77
N VAL C 229 12.92 19.17 -34.03
CA VAL C 229 12.62 20.06 -35.16
C VAL C 229 11.69 19.32 -36.09
N SER C 230 10.57 19.96 -36.43
CA SER C 230 9.64 19.41 -37.39
C SER C 230 9.34 20.51 -38.41
N GLU C 231 9.42 20.16 -39.69
CA GLU C 231 9.34 21.19 -40.71
C GLU C 231 8.48 20.75 -41.89
N SER C 232 7.65 21.67 -42.35
CA SER C 232 6.78 21.53 -43.51
C SER C 232 7.03 22.68 -44.45
N PRO C 233 6.46 22.65 -45.66
CA PRO C 233 6.45 23.88 -46.47
C PRO C 233 5.78 25.04 -45.76
N GLU C 234 4.70 24.76 -45.02
CA GLU C 234 3.89 25.82 -44.45
C GLU C 234 4.58 26.50 -43.26
N MET C 235 5.13 25.72 -42.33
CA MET C 235 5.81 26.36 -41.20
C MET C 235 6.75 25.38 -40.51
N ARG C 236 7.49 25.91 -39.53
CA ARG C 236 8.52 25.20 -38.79
C ARG C 236 8.18 25.22 -37.31
N ILE C 237 8.18 24.04 -36.69
CA ILE C 237 7.89 23.87 -35.27
C ILE C 237 9.12 23.27 -34.60
N VAL C 238 9.51 23.83 -33.47
CA VAL C 238 10.56 23.24 -32.66
C VAL C 238 9.99 23.08 -31.25
N ASP C 239 10.46 22.06 -30.55
CA ASP C 239 10.09 21.98 -29.14
C ASP C 239 11.27 21.47 -28.33
N LEU C 240 11.27 21.88 -27.08
CA LEU C 240 12.23 21.46 -26.08
C LEU C 240 11.42 20.64 -25.09
N MET C 241 11.56 19.32 -25.17
CA MET C 241 10.90 18.45 -24.21
C MET C 241 11.85 18.19 -23.05
N THR C 242 11.35 18.37 -21.82
CA THR C 242 12.14 18.12 -20.63
C THR C 242 11.42 17.10 -19.76
N ILE C 243 12.21 16.19 -19.18
CA ILE C 243 11.69 15.10 -18.34
C ILE C 243 12.33 15.26 -16.97
N ALA C 244 11.53 15.66 -16.01
CA ALA C 244 12.03 15.79 -14.65
C ALA C 244 12.03 14.42 -14.00
N PRO C 245 13.17 13.91 -13.58
CA PRO C 245 13.18 12.58 -12.96
C PRO C 245 12.80 12.65 -11.49
N ILE C 246 11.52 12.44 -11.15
CA ILE C 246 11.07 12.53 -9.74
C ILE C 246 11.80 11.50 -8.89
N ASP C 247 11.75 10.24 -9.30
CA ASP C 247 12.56 9.18 -8.73
C ASP C 247 12.85 8.21 -9.87
N GLU C 248 13.22 6.97 -9.54
CA GLU C 248 13.54 6.01 -10.60
C GLU C 248 12.30 5.56 -11.37
N ASP C 249 11.10 5.81 -10.87
CA ASP C 249 9.89 5.21 -11.43
C ASP C 249 8.82 6.24 -11.79
N ASN C 250 9.11 7.54 -11.69
CA ASN C 250 8.11 8.57 -11.92
C ASN C 250 8.75 9.79 -12.58
N SER C 251 8.01 10.40 -13.50
CA SER C 251 8.53 11.49 -14.30
C SER C 251 7.49 12.57 -14.42
N VAL C 252 7.96 13.78 -14.66
CA VAL C 252 7.12 14.90 -15.09
C VAL C 252 7.62 15.37 -16.45
N LEU C 253 6.76 15.30 -17.45
CA LEU C 253 7.08 15.69 -18.81
C LEU C 253 6.51 17.07 -19.08
N ARG C 254 7.32 17.92 -19.70
CA ARG C 254 6.92 19.25 -20.13
C ARG C 254 7.44 19.47 -21.54
N MET C 255 6.69 20.27 -22.32
CA MET C 255 7.14 20.70 -23.63
C MET C 255 7.01 22.21 -23.75
N LEU C 256 8.09 22.85 -24.19
CA LEU C 256 8.09 24.21 -24.67
C LEU C 256 8.05 24.15 -26.19
N ILE C 257 6.98 24.67 -26.79
CA ILE C 257 6.74 24.57 -28.21
C ILE C 257 6.88 25.95 -28.82
N MET C 258 7.66 26.07 -29.90
CA MET C 258 7.79 27.31 -30.64
C MET C 258 7.58 27.05 -32.13
N TRP C 259 6.89 27.98 -32.79
CA TRP C 259 6.56 27.83 -34.20
C TRP C 259 6.50 29.21 -34.83
N ASN C 260 6.69 29.27 -36.15
CA ASN C 260 6.75 30.54 -36.88
C ASN C 260 5.55 30.78 -37.80
N GLY C 261 4.48 30.01 -37.67
CA GLY C 261 3.24 30.28 -38.37
C GLY C 261 2.36 31.22 -37.55
N SER C 262 1.07 31.23 -37.88
CA SER C 262 0.16 32.13 -37.19
C SER C 262 0.05 31.81 -35.70
N GLU C 263 0.01 32.86 -34.88
CA GLU C 263 -0.16 32.72 -33.44
C GLU C 263 -1.46 32.04 -33.05
N MET C 264 -2.48 32.09 -33.91
CA MET C 264 -3.80 31.58 -33.58
C MET C 264 -3.88 30.07 -33.59
N LEU C 265 -2.85 29.37 -34.09
CA LEU C 265 -2.76 27.91 -34.08
C LEU C 265 -2.55 27.34 -32.68
N GLU C 266 -2.40 28.19 -31.67
CA GLU C 266 -1.94 27.72 -30.36
C GLU C 266 -2.87 26.67 -29.76
N SER C 267 -4.19 26.93 -29.74
CA SER C 267 -5.12 25.99 -29.12
C SER C 267 -5.07 24.62 -29.80
N LYS C 268 -5.04 24.61 -31.13
CA LYS C 268 -5.01 23.36 -31.87
C LYS C 268 -3.72 22.61 -31.63
N MET C 269 -2.58 23.31 -31.63
CA MET C 269 -1.31 22.64 -31.36
C MET C 269 -1.29 22.05 -29.96
N LEU C 270 -1.74 22.81 -28.96
CA LEU C 270 -1.83 22.24 -27.61
C LEU C 270 -2.73 21.01 -27.59
N THR C 271 -3.81 21.01 -28.39
CA THR C 271 -4.69 19.85 -28.38
C THR C 271 -4.02 18.65 -29.04
N GLU C 272 -3.33 18.87 -30.16
CA GLU C 272 -2.64 17.78 -30.84
C GLU C 272 -1.57 17.17 -29.93
N TYR C 273 -0.75 18.01 -29.32
CA TYR C 273 0.24 17.53 -28.36
C TYR C 273 -0.44 16.78 -27.22
N ASP C 274 -1.52 17.34 -26.68
CA ASP C 274 -2.22 16.66 -25.59
C ASP C 274 -2.69 15.27 -26.02
N GLU C 275 -3.28 15.16 -27.23
CA GLU C 275 -3.78 13.87 -27.73
C GLU C 275 -2.67 12.84 -27.87
N THR C 276 -1.55 13.23 -28.48
CA THR C 276 -0.47 12.29 -28.74
C THR C 276 0.31 11.97 -27.46
N ILE C 277 0.53 12.96 -26.59
CA ILE C 277 1.17 12.68 -25.30
C ILE C 277 0.35 11.67 -24.51
N GLU C 278 -0.97 11.88 -24.44
CA GLU C 278 -1.78 10.92 -23.70
C GLU C 278 -1.80 9.55 -24.38
N GLN C 279 -1.73 9.50 -25.71
CA GLN C 279 -1.59 8.20 -26.39
C GLN C 279 -0.30 7.50 -25.97
N ASP C 280 0.81 8.26 -25.84
CA ASP C 280 2.08 7.70 -25.36
C ASP C 280 2.02 7.27 -23.90
N ILE C 281 1.35 8.05 -23.06
CA ILE C 281 1.29 7.76 -21.63
C ILE C 281 0.60 6.43 -21.38
N ARG C 282 -0.46 6.15 -22.14
CA ARG C 282 -1.14 4.86 -22.05
C ARG C 282 -0.18 3.69 -22.28
N ILE C 283 0.73 3.81 -23.26
CA ILE C 283 1.77 2.80 -23.43
C ILE C 283 2.79 2.85 -22.28
N LEU C 284 3.31 4.05 -21.96
CA LEU C 284 4.37 4.16 -20.95
C LEU C 284 3.94 3.53 -19.62
N HIS C 285 2.69 3.76 -19.20
CA HIS C 285 2.23 3.27 -17.91
C HIS C 285 2.20 1.75 -17.88
N SER C 286 2.11 1.11 -19.03
CA SER C 286 1.94 -0.33 -19.09
C SER C 286 3.24 -1.09 -19.27
N GLN C 287 4.34 -0.41 -19.61
CA GLN C 287 5.53 -1.12 -20.07
C GLN C 287 6.21 -1.85 -18.93
N GLN C 288 6.71 -3.06 -19.22
CA GLN C 288 7.30 -3.96 -18.24
C GLN C 288 8.69 -4.35 -18.73
N PRO C 289 9.75 -4.21 -17.92
CA PRO C 289 9.75 -3.61 -16.58
C PRO C 289 9.66 -2.10 -16.66
N ALA C 290 9.50 -1.45 -15.52
CA ALA C 290 9.34 -0.01 -15.53
C ALA C 290 10.66 0.71 -15.79
N ARG C 291 11.79 0.18 -15.31
CA ARG C 291 13.08 0.74 -15.69
C ARG C 291 13.40 0.39 -17.15
N LEU C 292 14.18 1.24 -17.78
CA LEU C 292 14.57 1.01 -19.18
C LEU C 292 15.69 -0.02 -19.25
N PRO C 293 15.55 -1.11 -19.99
CA PRO C 293 16.65 -2.08 -20.10
C PRO C 293 17.75 -1.58 -21.05
N LEU C 294 18.99 -1.62 -20.55
CA LEU C 294 20.15 -1.32 -21.39
C LEU C 294 20.54 -2.57 -22.20
N LEU C 295 21.56 -2.43 -23.05
CA LEU C 295 21.94 -3.52 -23.95
C LEU C 295 22.81 -4.58 -23.26
N ALA C 296 22.81 -5.78 -23.85
CA ALA C 296 23.77 -6.85 -23.56
C ALA C 296 23.91 -7.21 -22.07
N PRO C 297 22.78 -7.38 -21.34
CA PRO C 297 22.91 -7.67 -19.91
C PRO C 297 23.10 -9.15 -19.61
N GLY C 304 12.37 -12.35 -14.92
CA GLY C 304 11.47 -13.33 -15.49
C GLY C 304 10.86 -12.88 -16.81
N LEU C 305 11.45 -11.85 -17.41
CA LEU C 305 11.06 -11.31 -18.70
C LEU C 305 12.20 -11.45 -19.71
N PRO C 306 11.92 -11.79 -20.96
CA PRO C 306 12.99 -11.91 -21.96
C PRO C 306 13.64 -10.57 -22.25
N GLN C 307 14.82 -10.65 -22.86
CA GLN C 307 15.56 -9.46 -23.27
C GLN C 307 14.91 -8.82 -24.50
N GLU C 308 15.02 -7.50 -24.61
CA GLU C 308 14.35 -6.78 -25.66
C GLU C 308 14.85 -7.21 -27.04
N ILE C 309 13.99 -7.05 -28.05
CA ILE C 309 14.33 -7.34 -29.43
C ILE C 309 14.51 -6.02 -30.17
N HIS C 310 15.51 -5.96 -31.06
CA HIS C 310 15.82 -4.76 -31.83
C HIS C 310 15.77 -5.07 -33.32
N VAL C 311 15.06 -4.25 -34.07
CA VAL C 311 14.99 -4.37 -35.52
C VAL C 311 15.62 -3.09 -36.11
N PRO C 312 15.83 -2.99 -37.44
CA PRO C 312 16.58 -1.83 -37.95
C PRO C 312 15.99 -0.48 -37.56
N SER C 313 14.65 -0.35 -37.60
CA SER C 313 14.04 0.94 -37.23
C SER C 313 14.17 1.26 -35.75
N ASP C 314 14.69 0.36 -34.91
CA ASP C 314 15.01 0.71 -33.53
C ASP C 314 16.40 1.31 -33.36
N ARG C 315 17.09 1.68 -34.46
CA ARG C 315 18.48 2.11 -34.34
C ARG C 315 18.65 3.28 -33.38
N GLY C 316 17.67 4.19 -33.33
CA GLY C 316 17.80 5.34 -32.43
C GLY C 316 17.67 4.95 -30.96
N THR C 317 16.72 4.06 -30.64
CA THR C 317 16.57 3.66 -29.24
C THR C 317 17.71 2.73 -28.82
N VAL C 318 18.27 1.96 -29.76
CA VAL C 318 19.49 1.18 -29.49
C VAL C 318 20.65 2.12 -29.16
N ALA C 319 20.88 3.12 -30.01
CA ALA C 319 21.95 4.07 -29.78
C ALA C 319 21.73 4.81 -28.45
N TYR C 320 20.47 5.09 -28.11
CA TYR C 320 20.16 5.73 -26.81
C TYR C 320 20.60 4.85 -25.65
N ARG C 321 20.33 3.55 -25.72
CA ARG C 321 20.74 2.65 -24.64
C ARG C 321 22.26 2.52 -24.57
N ARG C 322 22.95 2.46 -25.72
CA ARG C 322 24.41 2.47 -25.71
C ARG C 322 24.95 3.75 -25.09
N TRP C 323 24.37 4.89 -25.46
CA TRP C 323 24.81 6.16 -24.90
C TRP C 323 24.69 6.19 -23.38
N LEU C 324 23.55 5.71 -22.85
CA LEU C 324 23.36 5.72 -21.41
C LEU C 324 24.37 4.82 -20.71
N LYS C 325 24.75 3.71 -21.34
CA LYS C 325 25.76 2.86 -20.70
C LYS C 325 27.13 3.53 -20.71
N GLU C 326 27.49 4.19 -21.81
CA GLU C 326 28.76 4.94 -21.84
C GLU C 326 28.76 6.06 -20.81
N LEU C 327 27.62 6.73 -20.62
CA LEU C 327 27.54 7.78 -19.61
C LEU C 327 27.54 7.23 -18.20
N GLY C 328 27.49 5.90 -18.03
CA GLY C 328 27.45 5.30 -16.71
C GLY C 328 26.15 5.48 -15.94
N VAL C 329 25.00 5.49 -16.61
CA VAL C 329 23.73 5.68 -15.91
C VAL C 329 23.32 4.37 -15.25
N THR C 330 22.97 4.44 -13.97
CA THR C 330 22.42 3.31 -13.22
C THR C 330 21.02 3.57 -12.67
N TYR C 331 20.63 4.84 -12.50
CA TYR C 331 19.35 5.24 -11.94
C TYR C 331 18.23 5.11 -12.97
N GLY C 332 17.15 4.39 -12.62
CA GLY C 332 16.02 4.29 -13.52
C GLY C 332 16.23 3.40 -14.74
N VAL C 333 17.30 2.61 -14.77
CA VAL C 333 17.58 1.69 -15.86
C VAL C 333 17.90 0.34 -15.23
N CYS C 334 17.89 -0.70 -16.07
CA CYS C 334 18.10 -2.06 -15.60
C CYS C 334 18.70 -2.95 -16.69
#